data_6HTL
# 
_entry.id   6HTL 
# 
_audit_conform.dict_name       mmcif_pdbx.dic 
_audit_conform.dict_version    5.383 
_audit_conform.dict_location   http://mmcif.pdb.org/dictionaries/ascii/mmcif_pdbx.dic 
# 
loop_
_database_2.database_id 
_database_2.database_code 
_database_2.pdbx_database_accession 
_database_2.pdbx_DOI 
PDB   6HTL         pdb_00006htl 10.2210/pdb6htl/pdb 
WWPDB D_1200011692 ?            ?                   
# 
loop_
_pdbx_audit_revision_history.ordinal 
_pdbx_audit_revision_history.data_content_type 
_pdbx_audit_revision_history.major_revision 
_pdbx_audit_revision_history.minor_revision 
_pdbx_audit_revision_history.revision_date 
1 'Structure model' 1 0 2019-06-05 
2 'Structure model' 1 1 2024-01-24 
# 
_pdbx_audit_revision_details.ordinal             1 
_pdbx_audit_revision_details.revision_ordinal    1 
_pdbx_audit_revision_details.data_content_type   'Structure model' 
_pdbx_audit_revision_details.provider            repository 
_pdbx_audit_revision_details.type                'Initial release' 
_pdbx_audit_revision_details.description         ? 
_pdbx_audit_revision_details.details             ? 
# 
loop_
_pdbx_audit_revision_group.ordinal 
_pdbx_audit_revision_group.revision_ordinal 
_pdbx_audit_revision_group.data_content_type 
_pdbx_audit_revision_group.group 
1 2 'Structure model' 'Data collection'        
2 2 'Structure model' 'Database references'    
3 2 'Structure model' 'Derived calculations'   
4 2 'Structure model' 'Refinement description' 
# 
loop_
_pdbx_audit_revision_category.ordinal 
_pdbx_audit_revision_category.revision_ordinal 
_pdbx_audit_revision_category.data_content_type 
_pdbx_audit_revision_category.category 
1 2 'Structure model' chem_comp_atom                
2 2 'Structure model' chem_comp_bond                
3 2 'Structure model' database_2                    
4 2 'Structure model' pdbx_initial_refinement_model 
5 2 'Structure model' pdbx_struct_conn_angle        
6 2 'Structure model' struct_conn                   
# 
loop_
_pdbx_audit_revision_item.ordinal 
_pdbx_audit_revision_item.revision_ordinal 
_pdbx_audit_revision_item.data_content_type 
_pdbx_audit_revision_item.item 
1  2 'Structure model' '_database_2.pdbx_DOI'                        
2  2 'Structure model' '_database_2.pdbx_database_accession'         
3  2 'Structure model' '_pdbx_struct_conn_angle.ptnr1_auth_comp_id'  
4  2 'Structure model' '_pdbx_struct_conn_angle.ptnr1_auth_seq_id'   
5  2 'Structure model' '_pdbx_struct_conn_angle.ptnr1_label_asym_id' 
6  2 'Structure model' '_pdbx_struct_conn_angle.ptnr1_label_atom_id' 
7  2 'Structure model' '_pdbx_struct_conn_angle.ptnr1_label_comp_id' 
8  2 'Structure model' '_pdbx_struct_conn_angle.ptnr1_label_seq_id'  
9  2 'Structure model' '_pdbx_struct_conn_angle.ptnr3_auth_comp_id'  
10 2 'Structure model' '_pdbx_struct_conn_angle.ptnr3_auth_seq_id'   
11 2 'Structure model' '_pdbx_struct_conn_angle.ptnr3_label_asym_id' 
12 2 'Structure model' '_pdbx_struct_conn_angle.ptnr3_label_atom_id' 
13 2 'Structure model' '_pdbx_struct_conn_angle.ptnr3_label_comp_id' 
14 2 'Structure model' '_pdbx_struct_conn_angle.ptnr3_label_seq_id'  
15 2 'Structure model' '_pdbx_struct_conn_angle.value'               
16 2 'Structure model' '_struct_conn.pdbx_dist_value'                
17 2 'Structure model' '_struct_conn.ptnr1_auth_comp_id'             
18 2 'Structure model' '_struct_conn.ptnr1_auth_seq_id'              
19 2 'Structure model' '_struct_conn.ptnr1_label_asym_id'            
20 2 'Structure model' '_struct_conn.ptnr1_label_atom_id'            
21 2 'Structure model' '_struct_conn.ptnr1_label_comp_id'            
22 2 'Structure model' '_struct_conn.ptnr1_label_seq_id'             
23 2 'Structure model' '_struct_conn.ptnr2_auth_comp_id'             
24 2 'Structure model' '_struct_conn.ptnr2_auth_seq_id'              
25 2 'Structure model' '_struct_conn.ptnr2_label_asym_id'            
26 2 'Structure model' '_struct_conn.ptnr2_label_atom_id'            
27 2 'Structure model' '_struct_conn.ptnr2_label_comp_id'            
28 2 'Structure model' '_struct_conn.ptnr2_symmetry'                 
# 
_pdbx_database_status.status_code                     REL 
_pdbx_database_status.status_code_sf                  REL 
_pdbx_database_status.status_code_mr                  ? 
_pdbx_database_status.entry_id                        6HTL 
_pdbx_database_status.recvd_initial_deposition_date   2018-10-04 
_pdbx_database_status.SG_entry                        N 
_pdbx_database_status.deposit_site                    PDBE 
_pdbx_database_status.process_site                    PDBE 
_pdbx_database_status.status_code_cs                  ? 
_pdbx_database_status.methods_development_category    ? 
_pdbx_database_status.pdb_format_compatible           Y 
_pdbx_database_status.status_code_nmr_data            ? 
# 
loop_
_audit_author.name 
_audit_author.pdbx_ordinal 
_audit_author.identifier_ORCID 
'Schramm, A.' 1 ? 
'Longhi, S.'  2 ? 
# 
_citation.abstract                  ? 
_citation.abstract_id_CAS           ? 
_citation.book_id_ISBN              ? 
_citation.book_publisher            ? 
_citation.book_publisher_city       ? 
_citation.book_title                ? 
_citation.coordinate_linkage        ? 
_citation.country                   US 
_citation.database_id_Medline       ? 
_citation.details                   ? 
_citation.id                        primary 
_citation.journal_abbrev            'Sci Adv' 
_citation.journal_id_ASTM           ? 
_citation.journal_id_CSD            ? 
_citation.journal_id_ISSN           2375-2548 
_citation.journal_full              ? 
_citation.journal_issue             ? 
_citation.journal_volume            5 
_citation.language                  ? 
_citation.page_first                eaaw3702 
_citation.page_last                 eaaw3702 
_citation.title                     'Regulation of measles virus gene expression by P protein coiled-coil properties.' 
_citation.year                      2019 
_citation.database_id_CSD           ? 
_citation.pdbx_database_id_DOI      10.1126/sciadv.aaw3702 
_citation.pdbx_database_id_PubMed   31086822 
_citation.unpublished_flag          ? 
# 
loop_
_citation_author.citation_id 
_citation_author.name 
_citation_author.ordinal 
_citation_author.identifier_ORCID 
primary 'Bloyet, L.M.' 1 0000-0002-5648-3190 
primary 'Schramm, A.'  2 ?                   
primary 'Lazert, C.'   3 ?                   
primary 'Raynal, B.'   4 ?                   
primary 'Hologne, M.'  5 0000-0002-4977-7887 
primary 'Walker, O.'   6 0000-0001-7284-2555 
primary 'Longhi, S.'   7 ?                   
primary 'Gerlier, D.'  8 0000-0001-5539-456X 
# 
loop_
_entity.id 
_entity.type 
_entity.src_method 
_entity.pdbx_description 
_entity.formula_weight 
_entity.pdbx_number_of_molecules 
_entity.pdbx_ec 
_entity.pdbx_mutation 
_entity.pdbx_fragment 
_entity.details 
1 polymer     man Phosphoprotein 8926.093 1  ? 'L339I, L340P, L341K, L342I' ? ? 
2 non-polymer syn 'CALCIUM ION'  40.078   1  ? ?                            ? ? 
3 water       nat water          18.015   42 ? ?                            ? ? 
# 
_entity_poly.entity_id                      1 
_entity_poly.type                           'polypeptide(L)' 
_entity_poly.nstd_linkage                   no 
_entity_poly.nstd_monomer                   no 
_entity_poly.pdbx_seq_one_letter_code       GDHYDDELFSDVQDIKTALAKIHEDNQKIISKLESIPKIKGEVESIKKQINRQNISISTLEGHLSSIMIAIPHHHHHH 
_entity_poly.pdbx_seq_one_letter_code_can   GDHYDDELFSDVQDIKTALAKIHEDNQKIISKLESIPKIKGEVESIKKQINRQNISISTLEGHLSSIMIAIPHHHHHH 
_entity_poly.pdbx_strand_id                 A 
_entity_poly.pdbx_target_identifier         ? 
# 
loop_
_pdbx_entity_nonpoly.entity_id 
_pdbx_entity_nonpoly.name 
_pdbx_entity_nonpoly.comp_id 
2 'CALCIUM ION' CA  
3 water         HOH 
# 
loop_
_entity_poly_seq.entity_id 
_entity_poly_seq.num 
_entity_poly_seq.mon_id 
_entity_poly_seq.hetero 
1 1  GLY n 
1 2  ASP n 
1 3  HIS n 
1 4  TYR n 
1 5  ASP n 
1 6  ASP n 
1 7  GLU n 
1 8  LEU n 
1 9  PHE n 
1 10 SER n 
1 11 ASP n 
1 12 VAL n 
1 13 GLN n 
1 14 ASP n 
1 15 ILE n 
1 16 LYS n 
1 17 THR n 
1 18 ALA n 
1 19 LEU n 
1 20 ALA n 
1 21 LYS n 
1 22 ILE n 
1 23 HIS n 
1 24 GLU n 
1 25 ASP n 
1 26 ASN n 
1 27 GLN n 
1 28 LYS n 
1 29 ILE n 
1 30 ILE n 
1 31 SER n 
1 32 LYS n 
1 33 LEU n 
1 34 GLU n 
1 35 SER n 
1 36 ILE n 
1 37 PRO n 
1 38 LYS n 
1 39 ILE n 
1 40 LYS n 
1 41 GLY n 
1 42 GLU n 
1 43 VAL n 
1 44 GLU n 
1 45 SER n 
1 46 ILE n 
1 47 LYS n 
1 48 LYS n 
1 49 GLN n 
1 50 ILE n 
1 51 ASN n 
1 52 ARG n 
1 53 GLN n 
1 54 ASN n 
1 55 ILE n 
1 56 SER n 
1 57 ILE n 
1 58 SER n 
1 59 THR n 
1 60 LEU n 
1 61 GLU n 
1 62 GLY n 
1 63 HIS n 
1 64 LEU n 
1 65 SER n 
1 66 SER n 
1 67 ILE n 
1 68 MET n 
1 69 ILE n 
1 70 ALA n 
1 71 ILE n 
1 72 PRO n 
1 73 HIS n 
1 74 HIS n 
1 75 HIS n 
1 76 HIS n 
1 77 HIS n 
1 78 HIS n 
# 
_entity_src_gen.entity_id                          1 
_entity_src_gen.pdbx_src_id                        1 
_entity_src_gen.pdbx_alt_source_flag               sample 
_entity_src_gen.pdbx_seq_type                      'Biological sequence' 
_entity_src_gen.pdbx_beg_seq_num                   1 
_entity_src_gen.pdbx_end_seq_num                   64 
_entity_src_gen.gene_src_common_name               ? 
_entity_src_gen.gene_src_genus                     ? 
_entity_src_gen.pdbx_gene_src_gene                 ? 
_entity_src_gen.gene_src_species                   ? 
_entity_src_gen.gene_src_strain                    ? 
_entity_src_gen.gene_src_tissue                    ? 
_entity_src_gen.gene_src_tissue_fraction           ? 
_entity_src_gen.gene_src_details                   ? 
_entity_src_gen.pdbx_gene_src_fragment             ? 
_entity_src_gen.pdbx_gene_src_scientific_name      'Measles morbillivirus' 
_entity_src_gen.pdbx_gene_src_ncbi_taxonomy_id     11234 
_entity_src_gen.pdbx_gene_src_variant              ? 
_entity_src_gen.pdbx_gene_src_cell_line            ? 
_entity_src_gen.pdbx_gene_src_atcc                 ? 
_entity_src_gen.pdbx_gene_src_organ                ? 
_entity_src_gen.pdbx_gene_src_organelle            ? 
_entity_src_gen.pdbx_gene_src_cell                 ? 
_entity_src_gen.pdbx_gene_src_cellular_location    ? 
_entity_src_gen.host_org_common_name               ? 
_entity_src_gen.pdbx_host_org_scientific_name      'Escherichia coli' 
_entity_src_gen.pdbx_host_org_ncbi_taxonomy_id     562 
_entity_src_gen.host_org_genus                     ? 
_entity_src_gen.pdbx_host_org_gene                 ? 
_entity_src_gen.pdbx_host_org_organ                ? 
_entity_src_gen.host_org_species                   ? 
_entity_src_gen.pdbx_host_org_tissue               ? 
_entity_src_gen.pdbx_host_org_tissue_fraction      ? 
_entity_src_gen.pdbx_host_org_strain               ? 
_entity_src_gen.pdbx_host_org_variant              ? 
_entity_src_gen.pdbx_host_org_cell_line            ? 
_entity_src_gen.pdbx_host_org_atcc                 ? 
_entity_src_gen.pdbx_host_org_culture_collection   ? 
_entity_src_gen.pdbx_host_org_cell                 ? 
_entity_src_gen.pdbx_host_org_organelle            ? 
_entity_src_gen.pdbx_host_org_cellular_location    ? 
_entity_src_gen.pdbx_host_org_vector_type          plasmide 
_entity_src_gen.pdbx_host_org_vector               ? 
_entity_src_gen.host_org_details                   ? 
_entity_src_gen.expression_system_id               ? 
_entity_src_gen.plasmid_name                       pDest14 
_entity_src_gen.plasmid_details                    ? 
_entity_src_gen.pdbx_description                   ? 
# 
loop_
_chem_comp.id 
_chem_comp.type 
_chem_comp.mon_nstd_flag 
_chem_comp.name 
_chem_comp.pdbx_synonyms 
_chem_comp.formula 
_chem_comp.formula_weight 
ALA 'L-peptide linking' y ALANINE         ? 'C3 H7 N O2'     89.093  
ARG 'L-peptide linking' y ARGININE        ? 'C6 H15 N4 O2 1' 175.209 
ASN 'L-peptide linking' y ASPARAGINE      ? 'C4 H8 N2 O3'    132.118 
ASP 'L-peptide linking' y 'ASPARTIC ACID' ? 'C4 H7 N O4'     133.103 
CA  non-polymer         . 'CALCIUM ION'   ? 'Ca 2'           40.078  
GLN 'L-peptide linking' y GLUTAMINE       ? 'C5 H10 N2 O3'   146.144 
GLU 'L-peptide linking' y 'GLUTAMIC ACID' ? 'C5 H9 N O4'     147.129 
GLY 'peptide linking'   y GLYCINE         ? 'C2 H5 N O2'     75.067  
HIS 'L-peptide linking' y HISTIDINE       ? 'C6 H10 N3 O2 1' 156.162 
HOH non-polymer         . WATER           ? 'H2 O'           18.015  
ILE 'L-peptide linking' y ISOLEUCINE      ? 'C6 H13 N O2'    131.173 
LEU 'L-peptide linking' y LEUCINE         ? 'C6 H13 N O2'    131.173 
LYS 'L-peptide linking' y LYSINE          ? 'C6 H15 N2 O2 1' 147.195 
MET 'L-peptide linking' y METHIONINE      ? 'C5 H11 N O2 S'  149.211 
PHE 'L-peptide linking' y PHENYLALANINE   ? 'C9 H11 N O2'    165.189 
PRO 'L-peptide linking' y PROLINE         ? 'C5 H9 N O2'     115.130 
SER 'L-peptide linking' y SERINE          ? 'C3 H7 N O3'     105.093 
THR 'L-peptide linking' y THREONINE       ? 'C4 H9 N O3'     119.119 
TYR 'L-peptide linking' y TYROSINE        ? 'C9 H11 N O3'    181.189 
VAL 'L-peptide linking' y VALINE          ? 'C5 H11 N O2'    117.146 
# 
loop_
_pdbx_poly_seq_scheme.asym_id 
_pdbx_poly_seq_scheme.entity_id 
_pdbx_poly_seq_scheme.seq_id 
_pdbx_poly_seq_scheme.mon_id 
_pdbx_poly_seq_scheme.ndb_seq_num 
_pdbx_poly_seq_scheme.pdb_seq_num 
_pdbx_poly_seq_scheme.auth_seq_num 
_pdbx_poly_seq_scheme.pdb_mon_id 
_pdbx_poly_seq_scheme.auth_mon_id 
_pdbx_poly_seq_scheme.pdb_strand_id 
_pdbx_poly_seq_scheme.pdb_ins_code 
_pdbx_poly_seq_scheme.hetero 
A 1 1  GLY 1  0  ?  ?   ?   A . n 
A 1 2  ASP 2  1  ?  ?   ?   A . n 
A 1 3  HIS 3  2  2  HIS HIS A . n 
A 1 4  TYR 4  3  3  TYR TYR A . n 
A 1 5  ASP 5  4  4  ASP ASP A . n 
A 1 6  ASP 6  5  5  ASP ASP A . n 
A 1 7  GLU 7  6  6  GLU GLU A . n 
A 1 8  LEU 8  7  7  LEU LEU A . n 
A 1 9  PHE 9  8  8  PHE PHE A . n 
A 1 10 SER 10 9  9  SER SER A . n 
A 1 11 ASP 11 10 10 ASP ASP A . n 
A 1 12 VAL 12 11 11 VAL VAL A . n 
A 1 13 GLN 13 12 12 GLN GLN A . n 
A 1 14 ASP 14 13 13 ASP ASP A . n 
A 1 15 ILE 15 14 14 ILE ILE A . n 
A 1 16 LYS 16 15 15 LYS LYS A . n 
A 1 17 THR 17 16 16 THR THR A . n 
A 1 18 ALA 18 17 17 ALA ALA A . n 
A 1 19 LEU 19 18 18 LEU LEU A . n 
A 1 20 ALA 20 19 19 ALA ALA A . n 
A 1 21 LYS 21 20 20 LYS LYS A . n 
A 1 22 ILE 22 21 21 ILE ILE A . n 
A 1 23 HIS 23 22 22 HIS HIS A . n 
A 1 24 GLU 24 23 23 GLU GLU A . n 
A 1 25 ASP 25 24 24 ASP ASP A . n 
A 1 26 ASN 26 25 25 ASN ASN A . n 
A 1 27 GLN 27 26 26 GLN GLN A . n 
A 1 28 LYS 28 27 27 LYS LYS A . n 
A 1 29 ILE 29 28 28 ILE ILE A . n 
A 1 30 ILE 30 29 29 ILE ILE A . n 
A 1 31 SER 31 30 30 SER SER A . n 
A 1 32 LYS 32 31 31 LYS LYS A . n 
A 1 33 LEU 33 32 32 LEU LEU A . n 
A 1 34 GLU 34 33 33 GLU GLU A . n 
A 1 35 SER 35 34 34 SER SER A . n 
A 1 36 ILE 36 35 35 ILE ILE A . n 
A 1 37 PRO 37 36 36 PRO PRO A . n 
A 1 38 LYS 38 37 37 LYS LYS A . n 
A 1 39 ILE 39 38 38 ILE ILE A . n 
A 1 40 LYS 40 39 39 LYS LYS A . n 
A 1 41 GLY 41 40 40 GLY GLY A . n 
A 1 42 GLU 42 41 41 GLU GLU A . n 
A 1 43 VAL 43 42 42 VAL VAL A . n 
A 1 44 GLU 44 43 43 GLU GLU A . n 
A 1 45 SER 45 44 44 SER SER A . n 
A 1 46 ILE 46 45 45 ILE ILE A . n 
A 1 47 LYS 47 46 46 LYS LYS A . n 
A 1 48 LYS 48 47 47 LYS LYS A . n 
A 1 49 GLN 49 48 48 GLN GLN A . n 
A 1 50 ILE 50 49 49 ILE ILE A . n 
A 1 51 ASN 51 50 50 ASN ASN A . n 
A 1 52 ARG 52 51 51 ARG ARG A . n 
A 1 53 GLN 53 52 52 GLN GLN A . n 
A 1 54 ASN 54 53 53 ASN ASN A . n 
A 1 55 ILE 55 54 54 ILE ILE A . n 
A 1 56 SER 56 55 55 SER SER A . n 
A 1 57 ILE 57 56 56 ILE ILE A . n 
A 1 58 SER 58 57 57 SER SER A . n 
A 1 59 THR 59 58 58 THR THR A . n 
A 1 60 LEU 60 59 59 LEU LEU A . n 
A 1 61 GLU 61 60 60 GLU GLU A . n 
A 1 62 GLY 62 61 61 GLY GLY A . n 
A 1 63 HIS 63 62 62 HIS HIS A . n 
A 1 64 LEU 64 63 63 LEU LEU A . n 
A 1 65 SER 65 64 64 SER SER A . n 
A 1 66 SER 66 65 65 SER SER A . n 
A 1 67 ILE 67 66 ?  ?   ?   A . n 
A 1 68 MET 68 67 ?  ?   ?   A . n 
A 1 69 ILE 69 68 ?  ?   ?   A . n 
A 1 70 ALA 70 69 ?  ?   ?   A . n 
A 1 71 ILE 71 70 ?  ?   ?   A . n 
A 1 72 PRO 72 71 ?  ?   ?   A . n 
A 1 73 HIS 73 72 ?  ?   ?   A . n 
A 1 74 HIS 74 73 ?  ?   ?   A . n 
A 1 75 HIS 75 74 ?  ?   ?   A . n 
A 1 76 HIS 76 75 ?  ?   ?   A . n 
A 1 77 HIS 77 76 ?  ?   ?   A . n 
A 1 78 HIS 78 77 ?  ?   ?   A . n 
# 
loop_
_pdbx_nonpoly_scheme.asym_id 
_pdbx_nonpoly_scheme.entity_id 
_pdbx_nonpoly_scheme.mon_id 
_pdbx_nonpoly_scheme.ndb_seq_num 
_pdbx_nonpoly_scheme.pdb_seq_num 
_pdbx_nonpoly_scheme.auth_seq_num 
_pdbx_nonpoly_scheme.pdb_mon_id 
_pdbx_nonpoly_scheme.auth_mon_id 
_pdbx_nonpoly_scheme.pdb_strand_id 
_pdbx_nonpoly_scheme.pdb_ins_code 
B 2 CA  1  1001 1001 CA  CA  A . 
C 3 HOH 1  1101 1029 HOH HOH A . 
C 3 HOH 2  1102 1016 HOH HOH A . 
C 3 HOH 3  1103 1034 HOH HOH A . 
C 3 HOH 4  1104 1017 HOH HOH A . 
C 3 HOH 5  1105 1010 HOH HOH A . 
C 3 HOH 6  1106 1028 HOH HOH A . 
C 3 HOH 7  1107 1037 HOH HOH A . 
C 3 HOH 8  1108 1003 HOH HOH A . 
C 3 HOH 9  1109 1009 HOH HOH A . 
C 3 HOH 10 1110 1006 HOH HOH A . 
C 3 HOH 11 1111 1008 HOH HOH A . 
C 3 HOH 12 1112 1023 HOH HOH A . 
C 3 HOH 13 1113 1035 HOH HOH A . 
C 3 HOH 14 1114 1012 HOH HOH A . 
C 3 HOH 15 1115 1032 HOH HOH A . 
C 3 HOH 16 1116 1007 HOH HOH A . 
C 3 HOH 17 1117 1004 HOH HOH A . 
C 3 HOH 18 1118 1015 HOH HOH A . 
C 3 HOH 19 1119 1013 HOH HOH A . 
C 3 HOH 20 1120 1002 HOH HOH A . 
C 3 HOH 21 1121 1036 HOH HOH A . 
C 3 HOH 22 1122 1021 HOH HOH A . 
C 3 HOH 23 1123 1043 HOH HOH A . 
C 3 HOH 24 1124 1042 HOH HOH A . 
C 3 HOH 25 1125 1024 HOH HOH A . 
C 3 HOH 26 1126 1030 HOH HOH A . 
C 3 HOH 27 1127 1005 HOH HOH A . 
C 3 HOH 28 1128 1025 HOH HOH A . 
C 3 HOH 29 1129 1026 HOH HOH A . 
C 3 HOH 30 1130 1027 HOH HOH A . 
C 3 HOH 31 1131 1018 HOH HOH A . 
C 3 HOH 32 1132 1020 HOH HOH A . 
C 3 HOH 33 1133 1014 HOH HOH A . 
C 3 HOH 34 1134 1033 HOH HOH A . 
C 3 HOH 35 1135 1022 HOH HOH A . 
C 3 HOH 36 1136 1031 HOH HOH A . 
C 3 HOH 37 1137 1038 HOH HOH A . 
C 3 HOH 38 1138 1040 HOH HOH A . 
C 3 HOH 39 1139 1041 HOH HOH A . 
C 3 HOH 40 1140 1011 HOH HOH A . 
C 3 HOH 41 1141 1019 HOH HOH A . 
C 3 HOH 42 1142 1039 HOH HOH A . 
# 
loop_
_pdbx_unobs_or_zero_occ_atoms.id 
_pdbx_unobs_or_zero_occ_atoms.PDB_model_num 
_pdbx_unobs_or_zero_occ_atoms.polymer_flag 
_pdbx_unobs_or_zero_occ_atoms.occupancy_flag 
_pdbx_unobs_or_zero_occ_atoms.auth_asym_id 
_pdbx_unobs_or_zero_occ_atoms.auth_comp_id 
_pdbx_unobs_or_zero_occ_atoms.auth_seq_id 
_pdbx_unobs_or_zero_occ_atoms.PDB_ins_code 
_pdbx_unobs_or_zero_occ_atoms.auth_atom_id 
_pdbx_unobs_or_zero_occ_atoms.label_alt_id 
_pdbx_unobs_or_zero_occ_atoms.label_asym_id 
_pdbx_unobs_or_zero_occ_atoms.label_comp_id 
_pdbx_unobs_or_zero_occ_atoms.label_seq_id 
_pdbx_unobs_or_zero_occ_atoms.label_atom_id 
1  1 Y 1 A HIS 2  ? N   ? A HIS 3  N   
2  1 Y 1 A HIS 2  ? CA  ? A HIS 3  CA  
3  1 Y 1 A HIS 2  ? CB  ? A HIS 3  CB  
4  1 Y 1 A HIS 2  ? CG  ? A HIS 3  CG  
5  1 Y 1 A HIS 2  ? ND1 ? A HIS 3  ND1 
6  1 Y 1 A HIS 2  ? CD2 ? A HIS 3  CD2 
7  1 Y 1 A HIS 2  ? CE1 ? A HIS 3  CE1 
8  1 Y 1 A HIS 2  ? NE2 ? A HIS 3  NE2 
9  1 Y 1 A LYS 20 ? CG  ? A LYS 21 CG  
10 1 Y 1 A LYS 20 ? CD  ? A LYS 21 CD  
11 1 Y 1 A LYS 20 ? CE  ? A LYS 21 CE  
12 1 Y 1 A LYS 20 ? NZ  ? A LYS 21 NZ  
13 1 Y 1 A ARG 51 ? CG  ? A ARG 52 CG  
14 1 Y 1 A ARG 51 ? CD  ? A ARG 52 CD  
15 1 Y 1 A ARG 51 ? NE  ? A ARG 52 NE  
16 1 Y 1 A ARG 51 ? CZ  ? A ARG 52 CZ  
17 1 Y 1 A ARG 51 ? NH1 ? A ARG 52 NH1 
18 1 Y 1 A ARG 51 ? NH2 ? A ARG 52 NH2 
19 1 Y 1 A GLU 60 ? CG  ? A GLU 61 CG  
20 1 Y 1 A GLU 60 ? CD  ? A GLU 61 CD  
21 1 Y 1 A GLU 60 ? OE1 ? A GLU 61 OE1 
22 1 Y 1 A GLU 60 ? OE2 ? A GLU 61 OE2 
23 1 Y 1 A HIS 62 ? CG  ? A HIS 63 CG  
24 1 Y 1 A HIS 62 ? ND1 ? A HIS 63 ND1 
25 1 Y 1 A HIS 62 ? CD2 ? A HIS 63 CD2 
26 1 Y 1 A HIS 62 ? CE1 ? A HIS 63 CE1 
27 1 Y 1 A HIS 62 ? NE2 ? A HIS 63 NE2 
# 
loop_
_software.citation_id 
_software.classification 
_software.compiler_name 
_software.compiler_version 
_software.contact_author 
_software.contact_author_email 
_software.date 
_software.description 
_software.dependencies 
_software.hardware 
_software.language 
_software.location 
_software.mods 
_software.name 
_software.os 
_software.os_version 
_software.type 
_software.version 
_software.pdbx_ordinal 
? refinement        ? ? ?                 ?                                       ?              ? ? ? ?          ? ? BUSTER      
? ? ?       2.10.3 1 
? 'data reduction'  ? ? 'Wolfgang Kabsch' Wolfgang.Kabsch@mpimf-heidelberg.mpg.de ?              ? ? ? ?          
http://www.mpimf-heidelberg.mpg.de/~kabsch/xds/     ? XDS         ? ? package .      2 
? 'data scaling'    ? ? 'Phil Evans'      ?                                       ?              ? ? ? ?          
http://www.mrc-lmb.cam.ac.uk/harry/pre/aimless.html ? Aimless     ? ? program .      3 
? phasing           ? ? 'Alexei Vaguine'  alexei@ysbl.york.ac.uk                  ?              ? ? ? Fortran_77 
http://www.ccp4.ac.uk/dist/html/molrep.html         ? MOLREP      ? ? program .      4 
? 'data extraction' ? ? PDB               deposit@deposit.rcsb.org                'Sep. 1, 2017' ? ? ? C++        
http://sw-tools.pdb.org/apps/PDB_EXTRACT/           ? PDB_EXTRACT ? ? package 3.24   5 
# 
_cell.angle_alpha                  90.000 
_cell.angle_alpha_esd              ? 
_cell.angle_beta                   90.000 
_cell.angle_beta_esd               ? 
_cell.angle_gamma                  90.000 
_cell.angle_gamma_esd              ? 
_cell.entry_id                     6HTL 
_cell.details                      ? 
_cell.formula_units_Z              ? 
_cell.length_a                     33.450 
_cell.length_a_esd                 ? 
_cell.length_b                     33.450 
_cell.length_b_esd                 ? 
_cell.length_c                     275.620 
_cell.length_c_esd                 ? 
_cell.volume                       ? 
_cell.volume_esd                   ? 
_cell.Z_PDB                        16 
_cell.reciprocal_angle_alpha       ? 
_cell.reciprocal_angle_beta        ? 
_cell.reciprocal_angle_gamma       ? 
_cell.reciprocal_angle_alpha_esd   ? 
_cell.reciprocal_angle_beta_esd    ? 
_cell.reciprocal_angle_gamma_esd   ? 
_cell.reciprocal_length_a          ? 
_cell.reciprocal_length_b          ? 
_cell.reciprocal_length_c          ? 
_cell.reciprocal_length_a_esd      ? 
_cell.reciprocal_length_b_esd      ? 
_cell.reciprocal_length_c_esd      ? 
_cell.pdbx_unique_axis             ? 
# 
_symmetry.entry_id                         6HTL 
_symmetry.cell_setting                     ? 
_symmetry.Int_Tables_number                97 
_symmetry.space_group_name_Hall            ? 
_symmetry.space_group_name_H-M             'I 4 2 2' 
_symmetry.pdbx_full_space_group_name_H-M   ? 
# 
_exptl.absorpt_coefficient_mu     ? 
_exptl.absorpt_correction_T_max   ? 
_exptl.absorpt_correction_T_min   ? 
_exptl.absorpt_correction_type    ? 
_exptl.absorpt_process_details    ? 
_exptl.entry_id                   6HTL 
_exptl.crystals_number            1 
_exptl.details                    ? 
_exptl.method                     'X-RAY DIFFRACTION' 
_exptl.method_details             ? 
# 
_exptl_crystal.colour                      ? 
_exptl_crystal.density_diffrn              ? 
_exptl_crystal.density_Matthews            2.65 
_exptl_crystal.density_method              ? 
_exptl_crystal.density_percent_sol         53.50 
_exptl_crystal.description                 elongated 
_exptl_crystal.F_000                       ? 
_exptl_crystal.id                          1 
_exptl_crystal.preparation                 ? 
_exptl_crystal.size_max                    ? 
_exptl_crystal.size_mid                    ? 
_exptl_crystal.size_min                    ? 
_exptl_crystal.size_rad                    ? 
_exptl_crystal.colour_lustre               ? 
_exptl_crystal.colour_modifier             ? 
_exptl_crystal.colour_primary              ? 
_exptl_crystal.density_meas                ? 
_exptl_crystal.density_meas_esd            ? 
_exptl_crystal.density_meas_gt             ? 
_exptl_crystal.density_meas_lt             ? 
_exptl_crystal.density_meas_temp           ? 
_exptl_crystal.density_meas_temp_esd       ? 
_exptl_crystal.density_meas_temp_gt        ? 
_exptl_crystal.density_meas_temp_lt        ? 
_exptl_crystal.pdbx_crystal_image_url      ? 
_exptl_crystal.pdbx_crystal_image_format   ? 
_exptl_crystal.pdbx_mosaicity              ? 
_exptl_crystal.pdbx_mosaicity_esd          ? 
# 
_exptl_crystal_grow.apparatus       ? 
_exptl_crystal_grow.atmosphere      ? 
_exptl_crystal_grow.crystal_id      1 
_exptl_crystal_grow.details         ? 
_exptl_crystal_grow.method          'VAPOR DIFFUSION, SITTING DROP' 
_exptl_crystal_grow.method_ref      ? 
_exptl_crystal_grow.pH              ? 
_exptl_crystal_grow.pressure        ? 
_exptl_crystal_grow.pressure_esd    ? 
_exptl_crystal_grow.seeding         ? 
_exptl_crystal_grow.seeding_ref     ? 
_exptl_crystal_grow.temp            300 
_exptl_crystal_grow.temp_details    ? 
_exptl_crystal_grow.temp_esd        ? 
_exptl_crystal_grow.time            ? 
_exptl_crystal_grow.pdbx_details    'PEG 4000, Calcium Chloride, Trizma' 
_exptl_crystal_grow.pdbx_pH_range   '8 - 9' 
# 
_diffrn.ambient_environment              ? 
_diffrn.ambient_temp                     100 
_diffrn.ambient_temp_details             ? 
_diffrn.ambient_temp_esd                 ? 
_diffrn.crystal_id                       1 
_diffrn.crystal_support                  ? 
_diffrn.crystal_treatment                ? 
_diffrn.details                          ? 
_diffrn.id                               1 
_diffrn.ambient_pressure                 ? 
_diffrn.ambient_pressure_esd             ? 
_diffrn.ambient_pressure_gt              ? 
_diffrn.ambient_pressure_lt              ? 
_diffrn.ambient_temp_gt                  ? 
_diffrn.ambient_temp_lt                  ? 
_diffrn.pdbx_serial_crystal_experiment   N 
# 
_diffrn_detector.details                      ? 
_diffrn_detector.detector                     PIXEL 
_diffrn_detector.diffrn_id                    1 
_diffrn_detector.type                         'DECTRIS EIGER X 16M' 
_diffrn_detector.area_resol_mean              ? 
_diffrn_detector.dtime                        ? 
_diffrn_detector.pdbx_frames_total            ? 
_diffrn_detector.pdbx_collection_time_total   ? 
_diffrn_detector.pdbx_collection_date         2017-04-30 
_diffrn_detector.pdbx_frequency               ? 
# 
_diffrn_radiation.collimation                      ? 
_diffrn_radiation.diffrn_id                        1 
_diffrn_radiation.filter_edge                      ? 
_diffrn_radiation.inhomogeneity                    ? 
_diffrn_radiation.monochromator                    ? 
_diffrn_radiation.polarisn_norm                    ? 
_diffrn_radiation.polarisn_ratio                   ? 
_diffrn_radiation.probe                            ? 
_diffrn_radiation.type                             ? 
_diffrn_radiation.xray_symbol                      ? 
_diffrn_radiation.wavelength_id                    1 
_diffrn_radiation.pdbx_monochromatic_or_laue_m_l   M 
_diffrn_radiation.pdbx_wavelength_list             ? 
_diffrn_radiation.pdbx_wavelength                  ? 
_diffrn_radiation.pdbx_diffrn_protocol             'SINGLE WAVELENGTH' 
_diffrn_radiation.pdbx_analyzer                    ? 
_diffrn_radiation.pdbx_scattering_type             x-ray 
# 
_diffrn_radiation_wavelength.id           1 
_diffrn_radiation_wavelength.wavelength   0.979110 
_diffrn_radiation_wavelength.wt           1.0 
# 
_diffrn_source.current                     ? 
_diffrn_source.details                     ? 
_diffrn_source.diffrn_id                   1 
_diffrn_source.power                       ? 
_diffrn_source.size                        ? 
_diffrn_source.source                      SYNCHROTRON 
_diffrn_source.target                      ? 
_diffrn_source.type                        'SOLEIL BEAMLINE PROXIMA 1' 
_diffrn_source.voltage                     ? 
_diffrn_source.take-off_angle              ? 
_diffrn_source.pdbx_wavelength_list        0.979110 
_diffrn_source.pdbx_wavelength             ? 
_diffrn_source.pdbx_synchrotron_beamline   'PROXIMA 1' 
_diffrn_source.pdbx_synchrotron_site       SOLEIL 
# 
_reflns.B_iso_Wilson_estimate            35 
_reflns.entry_id                         6HTL 
_reflns.data_reduction_details           ? 
_reflns.data_reduction_method            ? 
_reflns.d_resolution_high                2.20 
_reflns.d_resolution_low                 45.94 
_reflns.details                          ? 
_reflns.limit_h_max                      ? 
_reflns.limit_h_min                      ? 
_reflns.limit_k_max                      ? 
_reflns.limit_k_min                      ? 
_reflns.limit_l_max                      ? 
_reflns.limit_l_min                      ? 
_reflns.number_all                       ? 
_reflns.number_obs                       4440 
_reflns.observed_criterion               ? 
_reflns.observed_criterion_F_max         ? 
_reflns.observed_criterion_F_min         ? 
_reflns.observed_criterion_I_max         ? 
_reflns.observed_criterion_I_min         ? 
_reflns.observed_criterion_sigma_F       ? 
_reflns.observed_criterion_sigma_I       ? 
_reflns.percent_possible_obs             99.2 
_reflns.R_free_details                   ? 
_reflns.Rmerge_F_all                     ? 
_reflns.Rmerge_F_obs                     ? 
_reflns.Friedel_coverage                 ? 
_reflns.number_gt                        ? 
_reflns.threshold_expression             ? 
_reflns.pdbx_redundancy                  22.3 
_reflns.pdbx_Rmerge_I_obs                0.070 
_reflns.pdbx_Rmerge_I_all                ? 
_reflns.pdbx_Rsym_value                  ? 
_reflns.pdbx_netI_over_av_sigmaI         ? 
_reflns.pdbx_netI_over_sigmaI            15.8 
_reflns.pdbx_res_netI_over_av_sigmaI_2   ? 
_reflns.pdbx_res_netI_over_sigmaI_2      ? 
_reflns.pdbx_chi_squared                 ? 
_reflns.pdbx_scaling_rejects             ? 
_reflns.pdbx_d_res_high_opt              ? 
_reflns.pdbx_d_res_low_opt               ? 
_reflns.pdbx_d_res_opt_method            ? 
_reflns.phase_calculation_details        ? 
_reflns.pdbx_Rrim_I_all                  0.072 
_reflns.pdbx_Rpim_I_all                  0.016 
_reflns.pdbx_d_opt                       ? 
_reflns.pdbx_number_measured_all         ? 
_reflns.pdbx_diffrn_id                   1 
_reflns.pdbx_ordinal                     1 
_reflns.pdbx_CC_half                     0.999 
_reflns.pdbx_R_split                     ? 
# 
_reflns_shell.d_res_high                  2.20 
_reflns_shell.d_res_low                   2.26 
_reflns_shell.meanI_over_sigI_all         ? 
_reflns_shell.meanI_over_sigI_obs         1.0 
_reflns_shell.number_measured_all         ? 
_reflns_shell.number_measured_obs         ? 
_reflns_shell.number_possible             ? 
_reflns_shell.number_unique_all           ? 
_reflns_shell.number_unique_obs           287 
_reflns_shell.percent_possible_all        92.1 
_reflns_shell.percent_possible_obs        ? 
_reflns_shell.Rmerge_F_all                ? 
_reflns_shell.Rmerge_F_obs                ? 
_reflns_shell.Rmerge_I_all                ? 
_reflns_shell.Rmerge_I_obs                2.110 
_reflns_shell.meanI_over_sigI_gt          ? 
_reflns_shell.meanI_over_uI_all           ? 
_reflns_shell.meanI_over_uI_gt            ? 
_reflns_shell.number_measured_gt          ? 
_reflns_shell.number_unique_gt            ? 
_reflns_shell.percent_possible_gt         ? 
_reflns_shell.Rmerge_F_gt                 ? 
_reflns_shell.Rmerge_I_gt                 ? 
_reflns_shell.pdbx_redundancy             13.8 
_reflns_shell.pdbx_Rsym_value             ? 
_reflns_shell.pdbx_chi_squared            ? 
_reflns_shell.pdbx_netI_over_sigmaI_all   ? 
_reflns_shell.pdbx_netI_over_sigmaI_obs   ? 
_reflns_shell.pdbx_Rrim_I_all             2.202 
_reflns_shell.pdbx_Rpim_I_all             0.592 
_reflns_shell.pdbx_rejects                ? 
_reflns_shell.pdbx_ordinal                1 
_reflns_shell.pdbx_diffrn_id              1 
_reflns_shell.pdbx_CC_half                0.956 
_reflns_shell.pdbx_R_split                ? 
# 
_refine.aniso_B[1][1]                            -1.7824 
_refine.aniso_B[1][2]                            0.0000 
_refine.aniso_B[1][3]                            0.0000 
_refine.aniso_B[2][2]                            -1.7824 
_refine.aniso_B[2][3]                            0.0000 
_refine.aniso_B[3][3]                            3.5648 
_refine.B_iso_max                                112.320 
_refine.B_iso_mean                               30.4400 
_refine.B_iso_min                                3.000 
_refine.correlation_coeff_Fo_to_Fc               0.9070 
_refine.correlation_coeff_Fo_to_Fc_free          0.8850 
_refine.details                                  
;Even if collection were carried out at 2.2 angstrom resoltuion, the anisotropic nature of the data had a harmfull impact on model refinement especially when the 2.2 - 2.3 shell was included. Refinement was carried out at 2.3 angstrom as maximum resolution.
;
_refine.diff_density_max                         ? 
_refine.diff_density_max_esd                     ? 
_refine.diff_density_min                         ? 
_refine.diff_density_min_esd                     ? 
_refine.diff_density_rms                         ? 
_refine.diff_density_rms_esd                     ? 
_refine.entry_id                                 6HTL 
_refine.pdbx_refine_id                           'X-RAY DIFFRACTION' 
_refine.ls_abs_structure_details                 ? 
_refine.ls_abs_structure_Flack                   ? 
_refine.ls_abs_structure_Flack_esd               ? 
_refine.ls_abs_structure_Rogers                  ? 
_refine.ls_abs_structure_Rogers_esd              ? 
_refine.ls_d_res_high                            2.3000 
_refine.ls_d_res_low                             45.9400 
_refine.ls_extinction_coef                       ? 
_refine.ls_extinction_coef_esd                   ? 
_refine.ls_extinction_expression                 ? 
_refine.ls_extinction_method                     ? 
_refine.ls_goodness_of_fit_all                   ? 
_refine.ls_goodness_of_fit_all_esd               ? 
_refine.ls_goodness_of_fit_obs                   ? 
_refine.ls_goodness_of_fit_obs_esd               ? 
_refine.ls_hydrogen_treatment                    ? 
_refine.ls_matrix_type                           ? 
_refine.ls_number_constraints                    ? 
_refine.ls_number_parameters                     ? 
_refine.ls_number_reflns_all                     ? 
_refine.ls_number_reflns_obs                     3952 
_refine.ls_number_reflns_R_free                  198 
_refine.ls_number_reflns_R_work                  ? 
_refine.ls_number_restraints                     ? 
_refine.ls_percent_reflns_obs                    99.9000 
_refine.ls_percent_reflns_R_free                 5.0100 
_refine.ls_R_factor_all                          ? 
_refine.ls_R_factor_obs                          0.2540 
_refine.ls_R_factor_R_free                       0.2850 
_refine.ls_R_factor_R_free_error                 ? 
_refine.ls_R_factor_R_free_error_details         ? 
_refine.ls_R_factor_R_work                       0.2520 
_refine.ls_R_Fsqd_factor_obs                     ? 
_refine.ls_R_I_factor_obs                        ? 
_refine.ls_redundancy_reflns_all                 ? 
_refine.ls_redundancy_reflns_obs                 ? 
_refine.ls_restrained_S_all                      ? 
_refine.ls_restrained_S_obs                      ? 
_refine.ls_shift_over_esd_max                    ? 
_refine.ls_shift_over_esd_mean                   ? 
_refine.ls_structure_factor_coef                 ? 
_refine.ls_weighting_details                     ? 
_refine.ls_weighting_scheme                      ? 
_refine.ls_wR_factor_all                         ? 
_refine.ls_wR_factor_obs                         ? 
_refine.ls_wR_factor_R_free                      ? 
_refine.ls_wR_factor_R_work                      ? 
_refine.occupancy_max                            ? 
_refine.occupancy_min                            ? 
_refine.solvent_model_details                    ? 
_refine.solvent_model_param_bsol                 ? 
_refine.solvent_model_param_ksol                 ? 
_refine.ls_R_factor_gt                           ? 
_refine.ls_goodness_of_fit_gt                    ? 
_refine.ls_goodness_of_fit_ref                   ? 
_refine.ls_shift_over_su_max                     ? 
_refine.ls_shift_over_su_max_lt                  ? 
_refine.ls_shift_over_su_mean                    ? 
_refine.ls_shift_over_su_mean_lt                 ? 
_refine.pdbx_ls_sigma_I                          ? 
_refine.pdbx_ls_sigma_F                          0.000 
_refine.pdbx_ls_sigma_Fsqd                       ? 
_refine.pdbx_data_cutoff_high_absF               ? 
_refine.pdbx_data_cutoff_high_rms_absF           ? 
_refine.pdbx_data_cutoff_low_absF                ? 
_refine.pdbx_isotropic_thermal_model             ? 
_refine.pdbx_ls_cross_valid_method               THROUGHOUT 
_refine.pdbx_method_to_determine_struct          'MOLECULAR REPLACEMENT' 
_refine.pdbx_starting_model                      3ZD0 
_refine.pdbx_stereochemistry_target_values       ? 
_refine.pdbx_R_Free_selection_details            RANDOM 
_refine.pdbx_stereochem_target_val_spec_case     ? 
_refine.pdbx_overall_ESU_R                       ? 
_refine.pdbx_overall_ESU_R_Free                  ? 
_refine.pdbx_solvent_vdw_probe_radii             ? 
_refine.pdbx_solvent_ion_probe_radii             ? 
_refine.pdbx_solvent_shrinkage_radii             ? 
_refine.pdbx_real_space_R                        ? 
_refine.pdbx_density_correlation                 ? 
_refine.pdbx_pd_number_of_powder_patterns        ? 
_refine.pdbx_pd_number_of_points                 ? 
_refine.pdbx_pd_meas_number_of_points            ? 
_refine.pdbx_pd_proc_ls_prof_R_factor            ? 
_refine.pdbx_pd_proc_ls_prof_wR_factor           ? 
_refine.pdbx_pd_Marquardt_correlation_coeff      ? 
_refine.pdbx_pd_Fsqrd_R_factor                   ? 
_refine.pdbx_pd_ls_matrix_band_width             ? 
_refine.pdbx_overall_phase_error                 ? 
_refine.pdbx_overall_SU_R_free_Cruickshank_DPI   0.2390 
_refine.pdbx_overall_SU_R_free_Blow_DPI          0.2600 
_refine.pdbx_overall_SU_R_Blow_DPI               0.3900 
_refine.pdbx_TLS_residual_ADP_flag               ? 
_refine.pdbx_diffrn_id                           1 
_refine.overall_SU_B                             ? 
_refine.overall_SU_ML                            ? 
_refine.overall_SU_R_Cruickshank_DPI             0.3100 
_refine.overall_SU_R_free                        ? 
_refine.overall_FOM_free_R_set                   ? 
_refine.overall_FOM_work_R_set                   ? 
_refine.pdbx_average_fsc_overall                 ? 
_refine.pdbx_average_fsc_work                    ? 
_refine.pdbx_average_fsc_free                    ? 
# 
_refine_analyze.entry_id                        6HTL 
_refine_analyze.pdbx_refine_id                  'X-RAY DIFFRACTION' 
_refine_analyze.Luzzati_coordinate_error_free   ? 
_refine_analyze.Luzzati_coordinate_error_obs    0.450 
_refine_analyze.Luzzati_d_res_low_free          ? 
_refine_analyze.Luzzati_d_res_low_obs           ? 
_refine_analyze.Luzzati_sigma_a_free            ? 
_refine_analyze.Luzzati_sigma_a_free_details    ? 
_refine_analyze.Luzzati_sigma_a_obs             ? 
_refine_analyze.Luzzati_sigma_a_obs_details     ? 
_refine_analyze.number_disordered_residues      ? 
_refine_analyze.occupancy_sum_hydrogen          ? 
_refine_analyze.occupancy_sum_non_hydrogen      ? 
_refine_analyze.RG_d_res_high                   ? 
_refine_analyze.RG_d_res_low                    ? 
_refine_analyze.RG_free                         ? 
_refine_analyze.RG_work                         ? 
_refine_analyze.RG_free_work_ratio              ? 
_refine_analyze.pdbx_Luzzati_d_res_high_obs     ? 
# 
_refine_hist.cycle_id                         final 
_refine_hist.pdbx_refine_id                   'X-RAY DIFFRACTION' 
_refine_hist.d_res_high                       2.3000 
_refine_hist.d_res_low                        45.9400 
_refine_hist.pdbx_number_atoms_ligand         1 
_refine_hist.number_atoms_solvent             42 
_refine_hist.number_atoms_total               527 
_refine_hist.pdbx_number_residues_total       64 
_refine_hist.pdbx_B_iso_mean_ligand           29.24 
_refine_hist.pdbx_B_iso_mean_solvent          34.63 
_refine_hist.pdbx_number_atoms_protein        484 
_refine_hist.pdbx_number_atoms_nucleic_acid   0 
# 
loop_
_refine_ls_restr.pdbx_refine_id 
_refine_ls_restr.criterion 
_refine_ls_restr.dev_ideal 
_refine_ls_restr.dev_ideal_target 
_refine_ls_restr.number 
_refine_ls_restr.rejects 
_refine_ls_restr.type 
_refine_ls_restr.weight 
_refine_ls_restr.pdbx_restraint_function 
'X-RAY DIFFRACTION' ? ?      ? 181 ? t_dihedral_angle_d        2.000  SINUSOIDAL   
'X-RAY DIFFRACTION' ? ?      ? ?   ? t_trig_c_planes           ?      ?            
'X-RAY DIFFRACTION' ? ?      ? 82  ? t_gen_planes              5.000  HARMONIC     
'X-RAY DIFFRACTION' ? ?      ? 487 ? t_it                      20.000 HARMONIC     
'X-RAY DIFFRACTION' ? ?      ? 0   ? t_nbd                     5.000  SEMIHARMONIC 
'X-RAY DIFFRACTION' ? ?      ? ?   ? t_improper_torsion        ?      ?            
'X-RAY DIFFRACTION' ? ?      ? ?   ? t_pseud_angle             ?      ?            
'X-RAY DIFFRACTION' ? ?      ? 72  ? t_chiral_improper_torsion 5.000  SEMIHARMONIC 
'X-RAY DIFFRACTION' ? ?      ? ?   ? t_sum_occupancies         ?      ?            
'X-RAY DIFFRACTION' ? ?      ? ?   ? t_utility_distance        ?      ?            
'X-RAY DIFFRACTION' ? ?      ? ?   ? t_utility_angle           ?      ?            
'X-RAY DIFFRACTION' ? ?      ? ?   ? t_utility_torsion         ?      ?            
'X-RAY DIFFRACTION' ? ?      ? 653 ? t_ideal_dist_contact      4.000  SEMIHARMONIC 
'X-RAY DIFFRACTION' ? 0.010  ? 487 ? t_bond_d                  2.000  HARMONIC     
'X-RAY DIFFRACTION' ? 1.130  ? 654 ? t_angle_deg               2.000  HARMONIC     
'X-RAY DIFFRACTION' ? 2.240  ? ?   ? t_omega_torsion           ?      ?            
'X-RAY DIFFRACTION' ? 21.270 ? ?   ? t_other_torsion           ?      ?            
# 
_refine_ls_shell.pdbx_refine_id                   'X-RAY DIFFRACTION' 
_refine_ls_shell.d_res_high                       2.3000 
_refine_ls_shell.d_res_low                        2.3900 
_refine_ls_shell.number_reflns_all                440 
_refine_ls_shell.number_reflns_obs                ? 
_refine_ls_shell.number_reflns_R_free             22 
_refine_ls_shell.number_reflns_R_work             418 
_refine_ls_shell.percent_reflns_obs               99.3200 
_refine_ls_shell.percent_reflns_R_free            5.0000 
_refine_ls_shell.R_factor_all                     0.3569 
_refine_ls_shell.R_factor_obs                     ? 
_refine_ls_shell.R_factor_R_free                  0.3728 
_refine_ls_shell.R_factor_R_free_error            0.0000 
_refine_ls_shell.R_factor_R_work                  0.3559 
_refine_ls_shell.redundancy_reflns_all            ? 
_refine_ls_shell.redundancy_reflns_obs            ? 
_refine_ls_shell.wR_factor_all                    ? 
_refine_ls_shell.wR_factor_obs                    ? 
_refine_ls_shell.wR_factor_R_free                 ? 
_refine_ls_shell.wR_factor_R_work                 ? 
_refine_ls_shell.pdbx_total_number_of_bins_used   9 
_refine_ls_shell.pdbx_phase_error                 ? 
_refine_ls_shell.pdbx_fsc_work                    ? 
_refine_ls_shell.pdbx_fsc_free                    ? 
# 
_struct.entry_id                     6HTL 
_struct.title                        'Measles Phosphoprotein Coiled-Coil Domain IPKI Variant' 
_struct.pdbx_model_details           ? 
_struct.pdbx_formula_weight          ? 
_struct.pdbx_formula_weight_method   ? 
_struct.pdbx_model_type_details      ? 
_struct.pdbx_CASP_flag               N 
# 
_struct_keywords.entry_id        6HTL 
_struct_keywords.text            'Coiled-Coil, Alpha Helix, Tetramer, 3-10 Helix, VIRAL PROTEIN' 
_struct_keywords.pdbx_keywords   'VIRAL PROTEIN' 
# 
loop_
_struct_asym.id 
_struct_asym.pdbx_blank_PDB_chainid_flag 
_struct_asym.pdbx_modified 
_struct_asym.entity_id 
_struct_asym.details 
A N N 1 ? 
B N N 2 ? 
C N N 3 ? 
# 
_struct_ref.id                         1 
_struct_ref.db_name                    UNP 
_struct_ref.db_code                    Q83623_9MONO 
_struct_ref.pdbx_db_accession          Q83623 
_struct_ref.pdbx_db_isoform            ? 
_struct_ref.entity_id                  1 
_struct_ref.pdbx_seq_one_letter_code   GDHYDDELFSDVQDIKTALAKIHEDNQKIISKLESLLLLKGEVESIKKQINRQNISISTLEGHLSSIMIAIP 
_struct_ref.pdbx_align_begin           304 
# 
_struct_ref_seq.align_id                      1 
_struct_ref_seq.ref_id                        1 
_struct_ref_seq.pdbx_PDB_id_code              6HTL 
_struct_ref_seq.pdbx_strand_id                A 
_struct_ref_seq.seq_align_beg                 1 
_struct_ref_seq.pdbx_seq_align_beg_ins_code   ? 
_struct_ref_seq.seq_align_end                 72 
_struct_ref_seq.pdbx_seq_align_end_ins_code   ? 
_struct_ref_seq.pdbx_db_accession             Q83623 
_struct_ref_seq.db_align_beg                  304 
_struct_ref_seq.pdbx_db_align_beg_ins_code    ? 
_struct_ref_seq.db_align_end                  375 
_struct_ref_seq.pdbx_db_align_end_ins_code    ? 
_struct_ref_seq.pdbx_auth_seq_align_beg       0 
_struct_ref_seq.pdbx_auth_seq_align_end       71 
# 
loop_
_struct_ref_seq_dif.align_id 
_struct_ref_seq_dif.pdbx_pdb_id_code 
_struct_ref_seq_dif.mon_id 
_struct_ref_seq_dif.pdbx_pdb_strand_id 
_struct_ref_seq_dif.seq_num 
_struct_ref_seq_dif.pdbx_pdb_ins_code 
_struct_ref_seq_dif.pdbx_seq_db_name 
_struct_ref_seq_dif.pdbx_seq_db_accession_code 
_struct_ref_seq_dif.db_mon_id 
_struct_ref_seq_dif.pdbx_seq_db_seq_num 
_struct_ref_seq_dif.details 
_struct_ref_seq_dif.pdbx_auth_seq_num 
_struct_ref_seq_dif.pdbx_ordinal 
1 6HTL ILE A 36 ? UNP Q83623 LEU 339 'engineered mutation' 35 1  
1 6HTL PRO A 37 ? UNP Q83623 LEU 340 'engineered mutation' 36 2  
1 6HTL LYS A 38 ? UNP Q83623 LEU 341 'engineered mutation' 37 3  
1 6HTL ILE A 39 ? UNP Q83623 LEU 342 'engineered mutation' 38 4  
1 6HTL HIS A 73 ? UNP Q83623 ?   ?   'expression tag'      72 5  
1 6HTL HIS A 74 ? UNP Q83623 ?   ?   'expression tag'      73 6  
1 6HTL HIS A 75 ? UNP Q83623 ?   ?   'expression tag'      74 7  
1 6HTL HIS A 76 ? UNP Q83623 ?   ?   'expression tag'      75 8  
1 6HTL HIS A 77 ? UNP Q83623 ?   ?   'expression tag'      76 9  
1 6HTL HIS A 78 ? UNP Q83623 ?   ?   'expression tag'      77 10 
# 
_pdbx_struct_assembly.id                   1 
_pdbx_struct_assembly.details              author_and_software_defined_assembly 
_pdbx_struct_assembly.method_details       PISA 
_pdbx_struct_assembly.oligomeric_details   tetrameric 
_pdbx_struct_assembly.oligomeric_count     4 
# 
loop_
_pdbx_struct_assembly_prop.biol_id 
_pdbx_struct_assembly_prop.type 
_pdbx_struct_assembly_prop.value 
_pdbx_struct_assembly_prop.details 
1 'ABSA (A^2)' 11590 ? 
1 MORE         -134  ? 
1 'SSA (A^2)'  13570 ? 
# 
_pdbx_struct_assembly_gen.assembly_id       1 
_pdbx_struct_assembly_gen.oper_expression   1,2,3,4 
_pdbx_struct_assembly_gen.asym_id_list      A,B,C 
# 
_pdbx_struct_assembly_auth_evidence.id                     1 
_pdbx_struct_assembly_auth_evidence.assembly_id            1 
_pdbx_struct_assembly_auth_evidence.experimental_support   'equilibrium centrifugation' 
_pdbx_struct_assembly_auth_evidence.details                ? 
# 
loop_
_pdbx_struct_oper_list.id 
_pdbx_struct_oper_list.type 
_pdbx_struct_oper_list.name 
_pdbx_struct_oper_list.symmetry_operation 
_pdbx_struct_oper_list.matrix[1][1] 
_pdbx_struct_oper_list.matrix[1][2] 
_pdbx_struct_oper_list.matrix[1][3] 
_pdbx_struct_oper_list.vector[1] 
_pdbx_struct_oper_list.matrix[2][1] 
_pdbx_struct_oper_list.matrix[2][2] 
_pdbx_struct_oper_list.matrix[2][3] 
_pdbx_struct_oper_list.vector[2] 
_pdbx_struct_oper_list.matrix[3][1] 
_pdbx_struct_oper_list.matrix[3][2] 
_pdbx_struct_oper_list.matrix[3][3] 
_pdbx_struct_oper_list.vector[3] 
1 'identity operation'         1_555 x,y,z   1.0000000000 0.0000000000  0.0000000000  0.0000000000  0.0000000000  1.0000000000  0.0000000000  0.0000000000 0.0000000000  0.0000000000  1.0000000000  0.0000000000  
2 'crystal symmetry operation' 2_555 -x,-y,z 0.1187353189 -0.2008673483 -0.9723961294 3.2326750603  -0.2008673483 -0.9639345510 0.1745923532  6.8079047390 -0.9723961294 0.1745923532  -0.1548007679 2.3128660474  
3 'crystal symmetry operation' 3_555 -y,x,z  0.5593676594 0.5496429491  -0.6204840450 -0.4411995896 -0.7505102974 0.0180327245  -0.6606126811 5.3196021149 -0.3519120844 0.8352050343  0.4225996161  -1.6064645744 
4 'crystal symmetry operation' 4_555 y,-x,z  0.5593676594 -0.7505102974 -0.3519120844 3.6738746499  0.5496429491  0.0180327245  0.8352050343  1.4883026241 -0.6204840450 -0.6606126811 0.4225996161  3.9193306218 
# 
loop_
_struct_conf.conf_type_id 
_struct_conf.id 
_struct_conf.pdbx_PDB_helix_id 
_struct_conf.beg_label_comp_id 
_struct_conf.beg_label_asym_id 
_struct_conf.beg_label_seq_id 
_struct_conf.pdbx_beg_PDB_ins_code 
_struct_conf.end_label_comp_id 
_struct_conf.end_label_asym_id 
_struct_conf.end_label_seq_id 
_struct_conf.pdbx_end_PDB_ins_code 
_struct_conf.beg_auth_comp_id 
_struct_conf.beg_auth_asym_id 
_struct_conf.beg_auth_seq_id 
_struct_conf.end_auth_comp_id 
_struct_conf.end_auth_asym_id 
_struct_conf.end_auth_seq_id 
_struct_conf.pdbx_PDB_helix_class 
_struct_conf.details 
_struct_conf.pdbx_PDB_helix_length 
HELX_P HELX_P1 AA1 ASP A 5  ? LEU A 33 ? ASP A 4  LEU A 32 1 ? 29 
HELX_P HELX_P2 AA2 SER A 35 ? SER A 65 ? SER A 34 SER A 64 1 ? 31 
# 
_struct_conf_type.id          HELX_P 
_struct_conf_type.criteria    ? 
_struct_conf_type.reference   ? 
# 
loop_
_struct_conn.id 
_struct_conn.conn_type_id 
_struct_conn.pdbx_leaving_atom_flag 
_struct_conn.pdbx_PDB_id 
_struct_conn.ptnr1_label_asym_id 
_struct_conn.ptnr1_label_comp_id 
_struct_conn.ptnr1_label_seq_id 
_struct_conn.ptnr1_label_atom_id 
_struct_conn.pdbx_ptnr1_label_alt_id 
_struct_conn.pdbx_ptnr1_PDB_ins_code 
_struct_conn.pdbx_ptnr1_standard_comp_id 
_struct_conn.ptnr1_symmetry 
_struct_conn.ptnr2_label_asym_id 
_struct_conn.ptnr2_label_comp_id 
_struct_conn.ptnr2_label_seq_id 
_struct_conn.ptnr2_label_atom_id 
_struct_conn.pdbx_ptnr2_label_alt_id 
_struct_conn.pdbx_ptnr2_PDB_ins_code 
_struct_conn.ptnr1_auth_asym_id 
_struct_conn.ptnr1_auth_comp_id 
_struct_conn.ptnr1_auth_seq_id 
_struct_conn.ptnr2_auth_asym_id 
_struct_conn.ptnr2_auth_comp_id 
_struct_conn.ptnr2_auth_seq_id 
_struct_conn.ptnr2_symmetry 
_struct_conn.pdbx_ptnr3_label_atom_id 
_struct_conn.pdbx_ptnr3_label_seq_id 
_struct_conn.pdbx_ptnr3_label_comp_id 
_struct_conn.pdbx_ptnr3_label_asym_id 
_struct_conn.pdbx_ptnr3_label_alt_id 
_struct_conn.pdbx_ptnr3_PDB_ins_code 
_struct_conn.details 
_struct_conn.pdbx_dist_value 
_struct_conn.pdbx_value_order 
_struct_conn.pdbx_role 
metalc1 metalc ? ? A ASP 11 OD1 ? ? ? 1_555 B CA  . CA ? ? A ASP 10   A CA  1001 1_555  ? ? ? ? ? ? ? 2.375 ? ? 
metalc2 metalc ? ? A GLU 44 OE2 ? ? ? 1_555 B CA  . CA ? ? A GLU 43   A CA  1001 15_445 ? ? ? ? ? ? ? 3.027 ? ? 
metalc3 metalc ? ? B CA  .  CA  ? ? ? 1_555 C HOH . O  ? ? A CA  1001 A HOH 1108 1_555  ? ? ? ? ? ? ? 2.593 ? ? 
metalc4 metalc ? ? B CA  .  CA  ? ? ? 1_555 C HOH . O  ? ? A CA  1001 A HOH 1109 1_555  ? ? ? ? ? ? ? 2.564 ? ? 
metalc5 metalc ? ? B CA  .  CA  ? ? ? 1_555 C HOH . O  ? ? A CA  1001 A HOH 1117 1_555  ? ? ? ? ? ? ? 2.475 ? ? 
# 
_struct_conn_type.id          metalc 
_struct_conn_type.criteria    ? 
_struct_conn_type.reference   ? 
# 
loop_
_pdbx_struct_conn_angle.id 
_pdbx_struct_conn_angle.ptnr1_label_atom_id 
_pdbx_struct_conn_angle.ptnr1_label_alt_id 
_pdbx_struct_conn_angle.ptnr1_label_asym_id 
_pdbx_struct_conn_angle.ptnr1_label_comp_id 
_pdbx_struct_conn_angle.ptnr1_label_seq_id 
_pdbx_struct_conn_angle.ptnr1_auth_atom_id 
_pdbx_struct_conn_angle.ptnr1_auth_asym_id 
_pdbx_struct_conn_angle.ptnr1_auth_comp_id 
_pdbx_struct_conn_angle.ptnr1_auth_seq_id 
_pdbx_struct_conn_angle.ptnr1_PDB_ins_code 
_pdbx_struct_conn_angle.ptnr1_symmetry 
_pdbx_struct_conn_angle.ptnr2_label_atom_id 
_pdbx_struct_conn_angle.ptnr2_label_alt_id 
_pdbx_struct_conn_angle.ptnr2_label_asym_id 
_pdbx_struct_conn_angle.ptnr2_label_comp_id 
_pdbx_struct_conn_angle.ptnr2_label_seq_id 
_pdbx_struct_conn_angle.ptnr2_auth_atom_id 
_pdbx_struct_conn_angle.ptnr2_auth_asym_id 
_pdbx_struct_conn_angle.ptnr2_auth_comp_id 
_pdbx_struct_conn_angle.ptnr2_auth_seq_id 
_pdbx_struct_conn_angle.ptnr2_PDB_ins_code 
_pdbx_struct_conn_angle.ptnr2_symmetry 
_pdbx_struct_conn_angle.ptnr3_label_atom_id 
_pdbx_struct_conn_angle.ptnr3_label_alt_id 
_pdbx_struct_conn_angle.ptnr3_label_asym_id 
_pdbx_struct_conn_angle.ptnr3_label_comp_id 
_pdbx_struct_conn_angle.ptnr3_label_seq_id 
_pdbx_struct_conn_angle.ptnr3_auth_atom_id 
_pdbx_struct_conn_angle.ptnr3_auth_asym_id 
_pdbx_struct_conn_angle.ptnr3_auth_comp_id 
_pdbx_struct_conn_angle.ptnr3_auth_seq_id 
_pdbx_struct_conn_angle.ptnr3_PDB_ins_code 
_pdbx_struct_conn_angle.ptnr3_symmetry 
_pdbx_struct_conn_angle.value 
_pdbx_struct_conn_angle.value_esd 
1  OD1 ? A ASP 11 ? A ASP 10   ? 1_555 CA ? B CA . ? A CA 1001 ? 1_555 OE2 ? A GLU 44 ? A GLU 43   ? 1_555 53.9  ? 
2  OD1 ? A ASP 11 ? A ASP 10   ? 1_555 CA ? B CA . ? A CA 1001 ? 1_555 O   ? C HOH .  ? A HOH 1108 ? 1_555 74.6  ? 
3  OE2 ? A GLU 44 ? A GLU 43   ? 1_555 CA ? B CA . ? A CA 1001 ? 1_555 O   ? C HOH .  ? A HOH 1108 ? 1_555 62.6  ? 
4  OD1 ? A ASP 11 ? A ASP 10   ? 1_555 CA ? B CA . ? A CA 1001 ? 1_555 O   ? C HOH .  ? A HOH 1109 ? 1_555 80.8  ? 
5  OE2 ? A GLU 44 ? A GLU 43   ? 1_555 CA ? B CA . ? A CA 1001 ? 1_555 O   ? C HOH .  ? A HOH 1109 ? 1_555 128.5 ? 
6  O   ? C HOH .  ? A HOH 1108 ? 1_555 CA ? B CA . ? A CA 1001 ? 1_555 O   ? C HOH .  ? A HOH 1109 ? 1_555 84.5  ? 
7  OD1 ? A ASP 11 ? A ASP 10   ? 1_555 CA ? B CA . ? A CA 1001 ? 1_555 O   ? C HOH .  ? A HOH 1117 ? 1_555 71.7  ? 
8  OE2 ? A GLU 44 ? A GLU 43   ? 1_555 CA ? B CA . ? A CA 1001 ? 1_555 O   ? C HOH .  ? A HOH 1117 ? 1_555 99.6  ? 
9  O   ? C HOH .  ? A HOH 1108 ? 1_555 CA ? B CA . ? A CA 1001 ? 1_555 O   ? C HOH .  ? A HOH 1117 ? 1_555 146.0 ? 
10 O   ? C HOH .  ? A HOH 1109 ? 1_555 CA ? B CA . ? A CA 1001 ? 1_555 O   ? C HOH .  ? A HOH 1117 ? 1_555 86.1  ? 
# 
_struct_site.id                   AC1 
_struct_site.pdbx_evidence_code   Software 
_struct_site.pdbx_auth_asym_id    A 
_struct_site.pdbx_auth_comp_id    CA 
_struct_site.pdbx_auth_seq_id     1001 
_struct_site.pdbx_auth_ins_code   ? 
_struct_site.pdbx_num_residues    6 
_struct_site.details              'binding site for residue CA A 1001' 
# 
loop_
_struct_site_gen.id 
_struct_site_gen.site_id 
_struct_site_gen.pdbx_num_res 
_struct_site_gen.label_comp_id 
_struct_site_gen.label_asym_id 
_struct_site_gen.label_seq_id 
_struct_site_gen.pdbx_auth_ins_code 
_struct_site_gen.auth_comp_id 
_struct_site_gen.auth_asym_id 
_struct_site_gen.auth_seq_id 
_struct_site_gen.label_atom_id 
_struct_site_gen.label_alt_id 
_struct_site_gen.symmetry 
_struct_site_gen.details 
1 AC1 6 ASP A 11 ? ASP A 10   . ? 1_555  ? 
2 AC1 6 GLU A 42 ? GLU A 41   . ? 14_555 ? 
3 AC1 6 GLU A 44 ? GLU A 43   . ? 15_555 ? 
4 AC1 6 HOH C .  ? HOH A 1108 . ? 1_555  ? 
5 AC1 6 HOH C .  ? HOH A 1109 . ? 1_555  ? 
6 AC1 6 HOH C .  ? HOH A 1117 . ? 1_555  ? 
# 
_phasing.method   MR 
# 
_pdbx_distant_solvent_atoms.id                                1 
_pdbx_distant_solvent_atoms.PDB_model_num                     1 
_pdbx_distant_solvent_atoms.auth_atom_id                      O 
_pdbx_distant_solvent_atoms.label_alt_id                      ? 
_pdbx_distant_solvent_atoms.auth_asym_id                      A 
_pdbx_distant_solvent_atoms.auth_comp_id                      HOH 
_pdbx_distant_solvent_atoms.auth_seq_id                       1142 
_pdbx_distant_solvent_atoms.PDB_ins_code                      ? 
_pdbx_distant_solvent_atoms.neighbor_macromolecule_distance   7.21 
_pdbx_distant_solvent_atoms.neighbor_ligand_distance          . 
# 
loop_
_pdbx_unobs_or_zero_occ_residues.id 
_pdbx_unobs_or_zero_occ_residues.PDB_model_num 
_pdbx_unobs_or_zero_occ_residues.polymer_flag 
_pdbx_unobs_or_zero_occ_residues.occupancy_flag 
_pdbx_unobs_or_zero_occ_residues.auth_asym_id 
_pdbx_unobs_or_zero_occ_residues.auth_comp_id 
_pdbx_unobs_or_zero_occ_residues.auth_seq_id 
_pdbx_unobs_or_zero_occ_residues.PDB_ins_code 
_pdbx_unobs_or_zero_occ_residues.label_asym_id 
_pdbx_unobs_or_zero_occ_residues.label_comp_id 
_pdbx_unobs_or_zero_occ_residues.label_seq_id 
1  1 Y 1 A GLY 0  ? A GLY 1  
2  1 Y 1 A ASP 1  ? A ASP 2  
3  1 Y 1 A ILE 66 ? A ILE 67 
4  1 Y 1 A MET 67 ? A MET 68 
5  1 Y 1 A ILE 68 ? A ILE 69 
6  1 Y 1 A ALA 69 ? A ALA 70 
7  1 Y 1 A ILE 70 ? A ILE 71 
8  1 Y 1 A PRO 71 ? A PRO 72 
9  1 Y 1 A HIS 72 ? A HIS 73 
10 1 Y 1 A HIS 73 ? A HIS 74 
11 1 Y 1 A HIS 74 ? A HIS 75 
12 1 Y 1 A HIS 75 ? A HIS 76 
13 1 Y 1 A HIS 76 ? A HIS 77 
14 1 Y 1 A HIS 77 ? A HIS 78 
# 
loop_
_chem_comp_atom.comp_id 
_chem_comp_atom.atom_id 
_chem_comp_atom.type_symbol 
_chem_comp_atom.pdbx_aromatic_flag 
_chem_comp_atom.pdbx_stereo_config 
_chem_comp_atom.pdbx_ordinal 
ALA N    N  N N 1   
ALA CA   C  N S 2   
ALA C    C  N N 3   
ALA O    O  N N 4   
ALA CB   C  N N 5   
ALA OXT  O  N N 6   
ALA H    H  N N 7   
ALA H2   H  N N 8   
ALA HA   H  N N 9   
ALA HB1  H  N N 10  
ALA HB2  H  N N 11  
ALA HB3  H  N N 12  
ALA HXT  H  N N 13  
ARG N    N  N N 14  
ARG CA   C  N S 15  
ARG C    C  N N 16  
ARG O    O  N N 17  
ARG CB   C  N N 18  
ARG CG   C  N N 19  
ARG CD   C  N N 20  
ARG NE   N  N N 21  
ARG CZ   C  N N 22  
ARG NH1  N  N N 23  
ARG NH2  N  N N 24  
ARG OXT  O  N N 25  
ARG H    H  N N 26  
ARG H2   H  N N 27  
ARG HA   H  N N 28  
ARG HB2  H  N N 29  
ARG HB3  H  N N 30  
ARG HG2  H  N N 31  
ARG HG3  H  N N 32  
ARG HD2  H  N N 33  
ARG HD3  H  N N 34  
ARG HE   H  N N 35  
ARG HH11 H  N N 36  
ARG HH12 H  N N 37  
ARG HH21 H  N N 38  
ARG HH22 H  N N 39  
ARG HXT  H  N N 40  
ASN N    N  N N 41  
ASN CA   C  N S 42  
ASN C    C  N N 43  
ASN O    O  N N 44  
ASN CB   C  N N 45  
ASN CG   C  N N 46  
ASN OD1  O  N N 47  
ASN ND2  N  N N 48  
ASN OXT  O  N N 49  
ASN H    H  N N 50  
ASN H2   H  N N 51  
ASN HA   H  N N 52  
ASN HB2  H  N N 53  
ASN HB3  H  N N 54  
ASN HD21 H  N N 55  
ASN HD22 H  N N 56  
ASN HXT  H  N N 57  
ASP N    N  N N 58  
ASP CA   C  N S 59  
ASP C    C  N N 60  
ASP O    O  N N 61  
ASP CB   C  N N 62  
ASP CG   C  N N 63  
ASP OD1  O  N N 64  
ASP OD2  O  N N 65  
ASP OXT  O  N N 66  
ASP H    H  N N 67  
ASP H2   H  N N 68  
ASP HA   H  N N 69  
ASP HB2  H  N N 70  
ASP HB3  H  N N 71  
ASP HD2  H  N N 72  
ASP HXT  H  N N 73  
CA  CA   CA N N 74  
GLN N    N  N N 75  
GLN CA   C  N S 76  
GLN C    C  N N 77  
GLN O    O  N N 78  
GLN CB   C  N N 79  
GLN CG   C  N N 80  
GLN CD   C  N N 81  
GLN OE1  O  N N 82  
GLN NE2  N  N N 83  
GLN OXT  O  N N 84  
GLN H    H  N N 85  
GLN H2   H  N N 86  
GLN HA   H  N N 87  
GLN HB2  H  N N 88  
GLN HB3  H  N N 89  
GLN HG2  H  N N 90  
GLN HG3  H  N N 91  
GLN HE21 H  N N 92  
GLN HE22 H  N N 93  
GLN HXT  H  N N 94  
GLU N    N  N N 95  
GLU CA   C  N S 96  
GLU C    C  N N 97  
GLU O    O  N N 98  
GLU CB   C  N N 99  
GLU CG   C  N N 100 
GLU CD   C  N N 101 
GLU OE1  O  N N 102 
GLU OE2  O  N N 103 
GLU OXT  O  N N 104 
GLU H    H  N N 105 
GLU H2   H  N N 106 
GLU HA   H  N N 107 
GLU HB2  H  N N 108 
GLU HB3  H  N N 109 
GLU HG2  H  N N 110 
GLU HG3  H  N N 111 
GLU HE2  H  N N 112 
GLU HXT  H  N N 113 
GLY N    N  N N 114 
GLY CA   C  N N 115 
GLY C    C  N N 116 
GLY O    O  N N 117 
GLY OXT  O  N N 118 
GLY H    H  N N 119 
GLY H2   H  N N 120 
GLY HA2  H  N N 121 
GLY HA3  H  N N 122 
GLY HXT  H  N N 123 
HIS N    N  N N 124 
HIS CA   C  N S 125 
HIS C    C  N N 126 
HIS O    O  N N 127 
HIS CB   C  N N 128 
HIS CG   C  Y N 129 
HIS ND1  N  Y N 130 
HIS CD2  C  Y N 131 
HIS CE1  C  Y N 132 
HIS NE2  N  Y N 133 
HIS OXT  O  N N 134 
HIS H    H  N N 135 
HIS H2   H  N N 136 
HIS HA   H  N N 137 
HIS HB2  H  N N 138 
HIS HB3  H  N N 139 
HIS HD1  H  N N 140 
HIS HD2  H  N N 141 
HIS HE1  H  N N 142 
HIS HE2  H  N N 143 
HIS HXT  H  N N 144 
HOH O    O  N N 145 
HOH H1   H  N N 146 
HOH H2   H  N N 147 
ILE N    N  N N 148 
ILE CA   C  N S 149 
ILE C    C  N N 150 
ILE O    O  N N 151 
ILE CB   C  N S 152 
ILE CG1  C  N N 153 
ILE CG2  C  N N 154 
ILE CD1  C  N N 155 
ILE OXT  O  N N 156 
ILE H    H  N N 157 
ILE H2   H  N N 158 
ILE HA   H  N N 159 
ILE HB   H  N N 160 
ILE HG12 H  N N 161 
ILE HG13 H  N N 162 
ILE HG21 H  N N 163 
ILE HG22 H  N N 164 
ILE HG23 H  N N 165 
ILE HD11 H  N N 166 
ILE HD12 H  N N 167 
ILE HD13 H  N N 168 
ILE HXT  H  N N 169 
LEU N    N  N N 170 
LEU CA   C  N S 171 
LEU C    C  N N 172 
LEU O    O  N N 173 
LEU CB   C  N N 174 
LEU CG   C  N N 175 
LEU CD1  C  N N 176 
LEU CD2  C  N N 177 
LEU OXT  O  N N 178 
LEU H    H  N N 179 
LEU H2   H  N N 180 
LEU HA   H  N N 181 
LEU HB2  H  N N 182 
LEU HB3  H  N N 183 
LEU HG   H  N N 184 
LEU HD11 H  N N 185 
LEU HD12 H  N N 186 
LEU HD13 H  N N 187 
LEU HD21 H  N N 188 
LEU HD22 H  N N 189 
LEU HD23 H  N N 190 
LEU HXT  H  N N 191 
LYS N    N  N N 192 
LYS CA   C  N S 193 
LYS C    C  N N 194 
LYS O    O  N N 195 
LYS CB   C  N N 196 
LYS CG   C  N N 197 
LYS CD   C  N N 198 
LYS CE   C  N N 199 
LYS NZ   N  N N 200 
LYS OXT  O  N N 201 
LYS H    H  N N 202 
LYS H2   H  N N 203 
LYS HA   H  N N 204 
LYS HB2  H  N N 205 
LYS HB3  H  N N 206 
LYS HG2  H  N N 207 
LYS HG3  H  N N 208 
LYS HD2  H  N N 209 
LYS HD3  H  N N 210 
LYS HE2  H  N N 211 
LYS HE3  H  N N 212 
LYS HZ1  H  N N 213 
LYS HZ2  H  N N 214 
LYS HZ3  H  N N 215 
LYS HXT  H  N N 216 
MET N    N  N N 217 
MET CA   C  N S 218 
MET C    C  N N 219 
MET O    O  N N 220 
MET CB   C  N N 221 
MET CG   C  N N 222 
MET SD   S  N N 223 
MET CE   C  N N 224 
MET OXT  O  N N 225 
MET H    H  N N 226 
MET H2   H  N N 227 
MET HA   H  N N 228 
MET HB2  H  N N 229 
MET HB3  H  N N 230 
MET HG2  H  N N 231 
MET HG3  H  N N 232 
MET HE1  H  N N 233 
MET HE2  H  N N 234 
MET HE3  H  N N 235 
MET HXT  H  N N 236 
PHE N    N  N N 237 
PHE CA   C  N S 238 
PHE C    C  N N 239 
PHE O    O  N N 240 
PHE CB   C  N N 241 
PHE CG   C  Y N 242 
PHE CD1  C  Y N 243 
PHE CD2  C  Y N 244 
PHE CE1  C  Y N 245 
PHE CE2  C  Y N 246 
PHE CZ   C  Y N 247 
PHE OXT  O  N N 248 
PHE H    H  N N 249 
PHE H2   H  N N 250 
PHE HA   H  N N 251 
PHE HB2  H  N N 252 
PHE HB3  H  N N 253 
PHE HD1  H  N N 254 
PHE HD2  H  N N 255 
PHE HE1  H  N N 256 
PHE HE2  H  N N 257 
PHE HZ   H  N N 258 
PHE HXT  H  N N 259 
PRO N    N  N N 260 
PRO CA   C  N S 261 
PRO C    C  N N 262 
PRO O    O  N N 263 
PRO CB   C  N N 264 
PRO CG   C  N N 265 
PRO CD   C  N N 266 
PRO OXT  O  N N 267 
PRO H    H  N N 268 
PRO HA   H  N N 269 
PRO HB2  H  N N 270 
PRO HB3  H  N N 271 
PRO HG2  H  N N 272 
PRO HG3  H  N N 273 
PRO HD2  H  N N 274 
PRO HD3  H  N N 275 
PRO HXT  H  N N 276 
SER N    N  N N 277 
SER CA   C  N S 278 
SER C    C  N N 279 
SER O    O  N N 280 
SER CB   C  N N 281 
SER OG   O  N N 282 
SER OXT  O  N N 283 
SER H    H  N N 284 
SER H2   H  N N 285 
SER HA   H  N N 286 
SER HB2  H  N N 287 
SER HB3  H  N N 288 
SER HG   H  N N 289 
SER HXT  H  N N 290 
THR N    N  N N 291 
THR CA   C  N S 292 
THR C    C  N N 293 
THR O    O  N N 294 
THR CB   C  N R 295 
THR OG1  O  N N 296 
THR CG2  C  N N 297 
THR OXT  O  N N 298 
THR H    H  N N 299 
THR H2   H  N N 300 
THR HA   H  N N 301 
THR HB   H  N N 302 
THR HG1  H  N N 303 
THR HG21 H  N N 304 
THR HG22 H  N N 305 
THR HG23 H  N N 306 
THR HXT  H  N N 307 
TYR N    N  N N 308 
TYR CA   C  N S 309 
TYR C    C  N N 310 
TYR O    O  N N 311 
TYR CB   C  N N 312 
TYR CG   C  Y N 313 
TYR CD1  C  Y N 314 
TYR CD2  C  Y N 315 
TYR CE1  C  Y N 316 
TYR CE2  C  Y N 317 
TYR CZ   C  Y N 318 
TYR OH   O  N N 319 
TYR OXT  O  N N 320 
TYR H    H  N N 321 
TYR H2   H  N N 322 
TYR HA   H  N N 323 
TYR HB2  H  N N 324 
TYR HB3  H  N N 325 
TYR HD1  H  N N 326 
TYR HD2  H  N N 327 
TYR HE1  H  N N 328 
TYR HE2  H  N N 329 
TYR HH   H  N N 330 
TYR HXT  H  N N 331 
VAL N    N  N N 332 
VAL CA   C  N S 333 
VAL C    C  N N 334 
VAL O    O  N N 335 
VAL CB   C  N N 336 
VAL CG1  C  N N 337 
VAL CG2  C  N N 338 
VAL OXT  O  N N 339 
VAL H    H  N N 340 
VAL H2   H  N N 341 
VAL HA   H  N N 342 
VAL HB   H  N N 343 
VAL HG11 H  N N 344 
VAL HG12 H  N N 345 
VAL HG13 H  N N 346 
VAL HG21 H  N N 347 
VAL HG22 H  N N 348 
VAL HG23 H  N N 349 
VAL HXT  H  N N 350 
# 
loop_
_chem_comp_bond.comp_id 
_chem_comp_bond.atom_id_1 
_chem_comp_bond.atom_id_2 
_chem_comp_bond.value_order 
_chem_comp_bond.pdbx_aromatic_flag 
_chem_comp_bond.pdbx_stereo_config 
_chem_comp_bond.pdbx_ordinal 
ALA N   CA   sing N N 1   
ALA N   H    sing N N 2   
ALA N   H2   sing N N 3   
ALA CA  C    sing N N 4   
ALA CA  CB   sing N N 5   
ALA CA  HA   sing N N 6   
ALA C   O    doub N N 7   
ALA C   OXT  sing N N 8   
ALA CB  HB1  sing N N 9   
ALA CB  HB2  sing N N 10  
ALA CB  HB3  sing N N 11  
ALA OXT HXT  sing N N 12  
ARG N   CA   sing N N 13  
ARG N   H    sing N N 14  
ARG N   H2   sing N N 15  
ARG CA  C    sing N N 16  
ARG CA  CB   sing N N 17  
ARG CA  HA   sing N N 18  
ARG C   O    doub N N 19  
ARG C   OXT  sing N N 20  
ARG CB  CG   sing N N 21  
ARG CB  HB2  sing N N 22  
ARG CB  HB3  sing N N 23  
ARG CG  CD   sing N N 24  
ARG CG  HG2  sing N N 25  
ARG CG  HG3  sing N N 26  
ARG CD  NE   sing N N 27  
ARG CD  HD2  sing N N 28  
ARG CD  HD3  sing N N 29  
ARG NE  CZ   sing N N 30  
ARG NE  HE   sing N N 31  
ARG CZ  NH1  sing N N 32  
ARG CZ  NH2  doub N N 33  
ARG NH1 HH11 sing N N 34  
ARG NH1 HH12 sing N N 35  
ARG NH2 HH21 sing N N 36  
ARG NH2 HH22 sing N N 37  
ARG OXT HXT  sing N N 38  
ASN N   CA   sing N N 39  
ASN N   H    sing N N 40  
ASN N   H2   sing N N 41  
ASN CA  C    sing N N 42  
ASN CA  CB   sing N N 43  
ASN CA  HA   sing N N 44  
ASN C   O    doub N N 45  
ASN C   OXT  sing N N 46  
ASN CB  CG   sing N N 47  
ASN CB  HB2  sing N N 48  
ASN CB  HB3  sing N N 49  
ASN CG  OD1  doub N N 50  
ASN CG  ND2  sing N N 51  
ASN ND2 HD21 sing N N 52  
ASN ND2 HD22 sing N N 53  
ASN OXT HXT  sing N N 54  
ASP N   CA   sing N N 55  
ASP N   H    sing N N 56  
ASP N   H2   sing N N 57  
ASP CA  C    sing N N 58  
ASP CA  CB   sing N N 59  
ASP CA  HA   sing N N 60  
ASP C   O    doub N N 61  
ASP C   OXT  sing N N 62  
ASP CB  CG   sing N N 63  
ASP CB  HB2  sing N N 64  
ASP CB  HB3  sing N N 65  
ASP CG  OD1  doub N N 66  
ASP CG  OD2  sing N N 67  
ASP OD2 HD2  sing N N 68  
ASP OXT HXT  sing N N 69  
GLN N   CA   sing N N 70  
GLN N   H    sing N N 71  
GLN N   H2   sing N N 72  
GLN CA  C    sing N N 73  
GLN CA  CB   sing N N 74  
GLN CA  HA   sing N N 75  
GLN C   O    doub N N 76  
GLN C   OXT  sing N N 77  
GLN CB  CG   sing N N 78  
GLN CB  HB2  sing N N 79  
GLN CB  HB3  sing N N 80  
GLN CG  CD   sing N N 81  
GLN CG  HG2  sing N N 82  
GLN CG  HG3  sing N N 83  
GLN CD  OE1  doub N N 84  
GLN CD  NE2  sing N N 85  
GLN NE2 HE21 sing N N 86  
GLN NE2 HE22 sing N N 87  
GLN OXT HXT  sing N N 88  
GLU N   CA   sing N N 89  
GLU N   H    sing N N 90  
GLU N   H2   sing N N 91  
GLU CA  C    sing N N 92  
GLU CA  CB   sing N N 93  
GLU CA  HA   sing N N 94  
GLU C   O    doub N N 95  
GLU C   OXT  sing N N 96  
GLU CB  CG   sing N N 97  
GLU CB  HB2  sing N N 98  
GLU CB  HB3  sing N N 99  
GLU CG  CD   sing N N 100 
GLU CG  HG2  sing N N 101 
GLU CG  HG3  sing N N 102 
GLU CD  OE1  doub N N 103 
GLU CD  OE2  sing N N 104 
GLU OE2 HE2  sing N N 105 
GLU OXT HXT  sing N N 106 
GLY N   CA   sing N N 107 
GLY N   H    sing N N 108 
GLY N   H2   sing N N 109 
GLY CA  C    sing N N 110 
GLY CA  HA2  sing N N 111 
GLY CA  HA3  sing N N 112 
GLY C   O    doub N N 113 
GLY C   OXT  sing N N 114 
GLY OXT HXT  sing N N 115 
HIS N   CA   sing N N 116 
HIS N   H    sing N N 117 
HIS N   H2   sing N N 118 
HIS CA  C    sing N N 119 
HIS CA  CB   sing N N 120 
HIS CA  HA   sing N N 121 
HIS C   O    doub N N 122 
HIS C   OXT  sing N N 123 
HIS CB  CG   sing N N 124 
HIS CB  HB2  sing N N 125 
HIS CB  HB3  sing N N 126 
HIS CG  ND1  sing Y N 127 
HIS CG  CD2  doub Y N 128 
HIS ND1 CE1  doub Y N 129 
HIS ND1 HD1  sing N N 130 
HIS CD2 NE2  sing Y N 131 
HIS CD2 HD2  sing N N 132 
HIS CE1 NE2  sing Y N 133 
HIS CE1 HE1  sing N N 134 
HIS NE2 HE2  sing N N 135 
HIS OXT HXT  sing N N 136 
HOH O   H1   sing N N 137 
HOH O   H2   sing N N 138 
ILE N   CA   sing N N 139 
ILE N   H    sing N N 140 
ILE N   H2   sing N N 141 
ILE CA  C    sing N N 142 
ILE CA  CB   sing N N 143 
ILE CA  HA   sing N N 144 
ILE C   O    doub N N 145 
ILE C   OXT  sing N N 146 
ILE CB  CG1  sing N N 147 
ILE CB  CG2  sing N N 148 
ILE CB  HB   sing N N 149 
ILE CG1 CD1  sing N N 150 
ILE CG1 HG12 sing N N 151 
ILE CG1 HG13 sing N N 152 
ILE CG2 HG21 sing N N 153 
ILE CG2 HG22 sing N N 154 
ILE CG2 HG23 sing N N 155 
ILE CD1 HD11 sing N N 156 
ILE CD1 HD12 sing N N 157 
ILE CD1 HD13 sing N N 158 
ILE OXT HXT  sing N N 159 
LEU N   CA   sing N N 160 
LEU N   H    sing N N 161 
LEU N   H2   sing N N 162 
LEU CA  C    sing N N 163 
LEU CA  CB   sing N N 164 
LEU CA  HA   sing N N 165 
LEU C   O    doub N N 166 
LEU C   OXT  sing N N 167 
LEU CB  CG   sing N N 168 
LEU CB  HB2  sing N N 169 
LEU CB  HB3  sing N N 170 
LEU CG  CD1  sing N N 171 
LEU CG  CD2  sing N N 172 
LEU CG  HG   sing N N 173 
LEU CD1 HD11 sing N N 174 
LEU CD1 HD12 sing N N 175 
LEU CD1 HD13 sing N N 176 
LEU CD2 HD21 sing N N 177 
LEU CD2 HD22 sing N N 178 
LEU CD2 HD23 sing N N 179 
LEU OXT HXT  sing N N 180 
LYS N   CA   sing N N 181 
LYS N   H    sing N N 182 
LYS N   H2   sing N N 183 
LYS CA  C    sing N N 184 
LYS CA  CB   sing N N 185 
LYS CA  HA   sing N N 186 
LYS C   O    doub N N 187 
LYS C   OXT  sing N N 188 
LYS CB  CG   sing N N 189 
LYS CB  HB2  sing N N 190 
LYS CB  HB3  sing N N 191 
LYS CG  CD   sing N N 192 
LYS CG  HG2  sing N N 193 
LYS CG  HG3  sing N N 194 
LYS CD  CE   sing N N 195 
LYS CD  HD2  sing N N 196 
LYS CD  HD3  sing N N 197 
LYS CE  NZ   sing N N 198 
LYS CE  HE2  sing N N 199 
LYS CE  HE3  sing N N 200 
LYS NZ  HZ1  sing N N 201 
LYS NZ  HZ2  sing N N 202 
LYS NZ  HZ3  sing N N 203 
LYS OXT HXT  sing N N 204 
MET N   CA   sing N N 205 
MET N   H    sing N N 206 
MET N   H2   sing N N 207 
MET CA  C    sing N N 208 
MET CA  CB   sing N N 209 
MET CA  HA   sing N N 210 
MET C   O    doub N N 211 
MET C   OXT  sing N N 212 
MET CB  CG   sing N N 213 
MET CB  HB2  sing N N 214 
MET CB  HB3  sing N N 215 
MET CG  SD   sing N N 216 
MET CG  HG2  sing N N 217 
MET CG  HG3  sing N N 218 
MET SD  CE   sing N N 219 
MET CE  HE1  sing N N 220 
MET CE  HE2  sing N N 221 
MET CE  HE3  sing N N 222 
MET OXT HXT  sing N N 223 
PHE N   CA   sing N N 224 
PHE N   H    sing N N 225 
PHE N   H2   sing N N 226 
PHE CA  C    sing N N 227 
PHE CA  CB   sing N N 228 
PHE CA  HA   sing N N 229 
PHE C   O    doub N N 230 
PHE C   OXT  sing N N 231 
PHE CB  CG   sing N N 232 
PHE CB  HB2  sing N N 233 
PHE CB  HB3  sing N N 234 
PHE CG  CD1  doub Y N 235 
PHE CG  CD2  sing Y N 236 
PHE CD1 CE1  sing Y N 237 
PHE CD1 HD1  sing N N 238 
PHE CD2 CE2  doub Y N 239 
PHE CD2 HD2  sing N N 240 
PHE CE1 CZ   doub Y N 241 
PHE CE1 HE1  sing N N 242 
PHE CE2 CZ   sing Y N 243 
PHE CE2 HE2  sing N N 244 
PHE CZ  HZ   sing N N 245 
PHE OXT HXT  sing N N 246 
PRO N   CA   sing N N 247 
PRO N   CD   sing N N 248 
PRO N   H    sing N N 249 
PRO CA  C    sing N N 250 
PRO CA  CB   sing N N 251 
PRO CA  HA   sing N N 252 
PRO C   O    doub N N 253 
PRO C   OXT  sing N N 254 
PRO CB  CG   sing N N 255 
PRO CB  HB2  sing N N 256 
PRO CB  HB3  sing N N 257 
PRO CG  CD   sing N N 258 
PRO CG  HG2  sing N N 259 
PRO CG  HG3  sing N N 260 
PRO CD  HD2  sing N N 261 
PRO CD  HD3  sing N N 262 
PRO OXT HXT  sing N N 263 
SER N   CA   sing N N 264 
SER N   H    sing N N 265 
SER N   H2   sing N N 266 
SER CA  C    sing N N 267 
SER CA  CB   sing N N 268 
SER CA  HA   sing N N 269 
SER C   O    doub N N 270 
SER C   OXT  sing N N 271 
SER CB  OG   sing N N 272 
SER CB  HB2  sing N N 273 
SER CB  HB3  sing N N 274 
SER OG  HG   sing N N 275 
SER OXT HXT  sing N N 276 
THR N   CA   sing N N 277 
THR N   H    sing N N 278 
THR N   H2   sing N N 279 
THR CA  C    sing N N 280 
THR CA  CB   sing N N 281 
THR CA  HA   sing N N 282 
THR C   O    doub N N 283 
THR C   OXT  sing N N 284 
THR CB  OG1  sing N N 285 
THR CB  CG2  sing N N 286 
THR CB  HB   sing N N 287 
THR OG1 HG1  sing N N 288 
THR CG2 HG21 sing N N 289 
THR CG2 HG22 sing N N 290 
THR CG2 HG23 sing N N 291 
THR OXT HXT  sing N N 292 
TYR N   CA   sing N N 293 
TYR N   H    sing N N 294 
TYR N   H2   sing N N 295 
TYR CA  C    sing N N 296 
TYR CA  CB   sing N N 297 
TYR CA  HA   sing N N 298 
TYR C   O    doub N N 299 
TYR C   OXT  sing N N 300 
TYR CB  CG   sing N N 301 
TYR CB  HB2  sing N N 302 
TYR CB  HB3  sing N N 303 
TYR CG  CD1  doub Y N 304 
TYR CG  CD2  sing Y N 305 
TYR CD1 CE1  sing Y N 306 
TYR CD1 HD1  sing N N 307 
TYR CD2 CE2  doub Y N 308 
TYR CD2 HD2  sing N N 309 
TYR CE1 CZ   doub Y N 310 
TYR CE1 HE1  sing N N 311 
TYR CE2 CZ   sing Y N 312 
TYR CE2 HE2  sing N N 313 
TYR CZ  OH   sing N N 314 
TYR OH  HH   sing N N 315 
TYR OXT HXT  sing N N 316 
VAL N   CA   sing N N 317 
VAL N   H    sing N N 318 
VAL N   H2   sing N N 319 
VAL CA  C    sing N N 320 
VAL CA  CB   sing N N 321 
VAL CA  HA   sing N N 322 
VAL C   O    doub N N 323 
VAL C   OXT  sing N N 324 
VAL CB  CG1  sing N N 325 
VAL CB  CG2  sing N N 326 
VAL CB  HB   sing N N 327 
VAL CG1 HG11 sing N N 328 
VAL CG1 HG12 sing N N 329 
VAL CG1 HG13 sing N N 330 
VAL CG2 HG21 sing N N 331 
VAL CG2 HG22 sing N N 332 
VAL CG2 HG23 sing N N 333 
VAL OXT HXT  sing N N 334 
# 
_pdbx_initial_refinement_model.id               1 
_pdbx_initial_refinement_model.entity_id_list   ? 
_pdbx_initial_refinement_model.type             'experimental model' 
_pdbx_initial_refinement_model.source_name      PDB 
_pdbx_initial_refinement_model.accession_code   3ZD0 
_pdbx_initial_refinement_model.details          ? 
# 
_atom_sites.entry_id                    6HTL 
_atom_sites.fract_transf_matrix[1][1]   0.01518533 
_atom_sites.fract_transf_matrix[1][2]   0.02230869 
_atom_sites.fract_transf_matrix[1][3]   0.01286232 
_atom_sites.fract_transf_matrix[2][1]   0.01277513 
_atom_sites.fract_transf_matrix[2][2]   -0.01949147 
_atom_sites.fract_transf_matrix[2][3]   0.01872404 
_atom_sites.fract_transf_matrix[3][1]   0.00271341 
_atom_sites.fract_transf_matrix[3][2]   -0.00048719 
_atom_sites.fract_transf_matrix[3][3]   -0.00235848 
_atom_sites.fract_transf_vector[1]      -0.115357 
_atom_sites.fract_transf_vector[2]      0.024046 
_atom_sites.fract_transf_vector[3]      0.206113 
# 
loop_
_atom_type.symbol 
C  
CA 
N  
O  
# 
loop_
_atom_site.group_PDB 
_atom_site.id 
_atom_site.type_symbol 
_atom_site.label_atom_id 
_atom_site.label_alt_id 
_atom_site.label_comp_id 
_atom_site.label_asym_id 
_atom_site.label_entity_id 
_atom_site.label_seq_id 
_atom_site.pdbx_PDB_ins_code 
_atom_site.Cartn_x 
_atom_site.Cartn_y 
_atom_site.Cartn_z 
_atom_site.occupancy 
_atom_site.B_iso_or_equiv 
_atom_site.pdbx_formal_charge 
_atom_site.auth_seq_id 
_atom_site.auth_comp_id 
_atom_site.auth_asym_id 
_atom_site.auth_atom_id 
_atom_site.pdbx_PDB_model_num 
ATOM   1   C  C   . HIS A 1 3  ? 36.785  -7.870  -28.452 1.00 40.60  ? 2    HIS A C   1 
ATOM   2   O  O   . HIS A 1 3  ? 36.273  -6.890  -28.987 1.00 42.13  ? 2    HIS A O   1 
ATOM   3   N  N   . TYR A 1 4  ? 36.062  -8.821  -27.861 1.00 34.74  ? 3    TYR A N   1 
ATOM   4   C  CA  . TYR A 1 4  ? 35.410  -8.628  -26.565 1.00 33.15  ? 3    TYR A CA  1 
ATOM   5   C  C   . TYR A 1 4  ? 36.453  -8.761  -25.442 1.00 36.60  ? 3    TYR A C   1 
ATOM   6   O  O   . TYR A 1 4  ? 36.805  -9.876  -25.047 1.00 36.42  ? 3    TYR A O   1 
ATOM   7   C  CB  . TYR A 1 4  ? 34.276  -9.663  -26.384 1.00 32.59  ? 3    TYR A CB  1 
ATOM   8   C  CG  . TYR A 1 4  ? 33.135  -9.274  -25.465 1.00 31.11  ? 3    TYR A CG  1 
ATOM   9   C  CD1 . TYR A 1 4  ? 33.244  -8.191  -24.593 1.00 32.27  ? 3    TYR A CD1 1 
ATOM   10  C  CD2 . TYR A 1 4  ? 31.969  -10.033 -25.418 1.00 30.51  ? 3    TYR A CD2 1 
ATOM   11  C  CE1 . TYR A 1 4  ? 32.199  -7.842  -23.737 1.00 30.19  ? 3    TYR A CE1 1 
ATOM   12  C  CE2 . TYR A 1 4  ? 30.927  -9.705  -24.553 1.00 30.60  ? 3    TYR A CE2 1 
ATOM   13  C  CZ  . TYR A 1 4  ? 31.040  -8.598  -23.728 1.00 31.63  ? 3    TYR A CZ  1 
ATOM   14  O  OH  . TYR A 1 4  ? 30.007  -8.265  -22.893 1.00 24.39  ? 3    TYR A OH  1 
ATOM   15  N  N   . ASP A 1 5  ? 36.949  -7.615  -24.945 1.00 32.09  ? 4    ASP A N   1 
ATOM   16  C  CA  . ASP A 1 5  ? 37.953  -7.571  -23.893 1.00 31.41  ? 4    ASP A CA  1 
ATOM   17  C  C   . ASP A 1 5  ? 37.412  -8.177  -22.589 1.00 32.71  ? 4    ASP A C   1 
ATOM   18  O  O   . ASP A 1 5  ? 36.257  -7.947  -22.242 1.00 32.22  ? 4    ASP A O   1 
ATOM   19  C  CB  . ASP A 1 5  ? 38.462  -6.131  -23.700 1.00 33.53  ? 4    ASP A CB  1 
ATOM   20  C  CG  . ASP A 1 5  ? 39.535  -5.984  -22.644 1.00 45.87  ? 4    ASP A CG  1 
ATOM   21  O  OD1 . ASP A 1 5  ? 40.574  -6.662  -22.756 1.00 46.42  ? 4    ASP A OD1 1 
ATOM   22  O  OD2 . ASP A 1 5  ? 39.333  -5.191  -21.704 1.00 54.78  ? 4    ASP A OD2 1 
ATOM   23  N  N   . ASP A 1 6  ? 38.248  -8.971  -21.896 1.00 26.95  ? 5    ASP A N   1 
ATOM   24  C  CA  . ASP A 1 6  ? 37.913  -9.659  -20.650 1.00 25.94  ? 5    ASP A CA  1 
ATOM   25  C  C   . ASP A 1 6  ? 37.432  -8.708  -19.561 1.00 28.41  ? 5    ASP A C   1 
ATOM   26  O  O   . ASP A 1 6  ? 36.505  -9.034  -18.830 1.00 27.53  ? 5    ASP A O   1 
ATOM   27  C  CB  . ASP A 1 6  ? 39.116  -10.474 -20.140 1.00 27.39  ? 5    ASP A CB  1 
ATOM   28  C  CG  . ASP A 1 6  ? 39.644  -11.517 -21.103 1.00 40.55  ? 5    ASP A CG  1 
ATOM   29  O  OD1 . ASP A 1 6  ? 38.820  -12.157 -21.804 1.00 41.64  ? 5    ASP A OD1 1 
ATOM   30  O  OD2 . ASP A 1 6  ? 40.879  -11.699 -21.157 1.00 47.68  ? 5    ASP A OD2 1 
ATOM   31  N  N   . GLU A 1 7  ? 38.078  -7.539  -19.457 1.00 24.62  ? 6    GLU A N   1 
ATOM   32  C  CA  . GLU A 1 7  ? 37.774  -6.506  -18.478 1.00 24.05  ? 6    GLU A CA  1 
ATOM   33  C  C   . GLU A 1 7  ? 36.438  -5.846  -18.755 1.00 26.45  ? 6    GLU A C   1 
ATOM   34  O  O   . GLU A 1 7  ? 35.682  -5.590  -17.809 1.00 27.02  ? 6    GLU A O   1 
ATOM   35  C  CB  . GLU A 1 7  ? 38.906  -5.482  -18.405 1.00 25.64  ? 6    GLU A CB  1 
ATOM   36  C  CG  . GLU A 1 7  ? 40.181  -6.064  -17.820 1.00 39.13  ? 6    GLU A CG  1 
ATOM   37  C  CD  . GLU A 1 7  ? 40.311  -5.805  -16.338 1.00 69.92  ? 6    GLU A CD  1 
ATOM   38  O  OE1 . GLU A 1 7  ? 39.907  -6.685  -15.542 1.00 72.70  ? 6    GLU A OE1 1 
ATOM   39  O  OE2 . GLU A 1 7  ? 40.796  -4.709  -15.974 1.00 65.91  ? 6    GLU A OE2 1 
ATOM   40  N  N   . LEU A 1 8  ? 36.130  -5.596  -20.049 1.00 20.19  ? 7    LEU A N   1 
ATOM   41  C  CA  . LEU A 1 8  ? 34.845  -5.039  -20.478 1.00 18.87  ? 7    LEU A CA  1 
ATOM   42  C  C   . LEU A 1 8  ? 33.768  -6.115  -20.246 1.00 21.20  ? 7    LEU A C   1 
ATOM   43  O  O   . LEU A 1 8  ? 32.705  -5.795  -19.720 1.00 20.05  ? 7    LEU A O   1 
ATOM   44  C  CB  . LEU A 1 8  ? 34.895  -4.584  -21.961 1.00 18.36  ? 7    LEU A CB  1 
ATOM   45  C  CG  . LEU A 1 8  ? 33.570  -4.157  -22.613 1.00 22.71  ? 7    LEU A CG  1 
ATOM   46  C  CD1 . LEU A 1 8  ? 33.027  -2.877  -22.005 1.00 22.92  ? 7    LEU A CD1 1 
ATOM   47  C  CD2 . LEU A 1 8  ? 33.730  -3.980  -24.090 1.00 25.08  ? 7    LEU A CD2 1 
ATOM   48  N  N   . PHE A 1 9  ? 34.089  -7.398  -20.578 1.00 17.42  ? 8    PHE A N   1 
ATOM   49  C  CA  . PHE A 1 9  ? 33.232  -8.563  -20.366 1.00 17.44  ? 8    PHE A CA  1 
ATOM   50  C  C   . PHE A 1 9  ? 32.859  -8.661  -18.873 1.00 23.10  ? 8    PHE A C   1 
ATOM   51  O  O   . PHE A 1 9  ? 31.683  -8.749  -18.534 1.00 22.45  ? 8    PHE A O   1 
ATOM   52  C  CB  . PHE A 1 9  ? 33.901  -9.856  -20.887 1.00 19.14  ? 8    PHE A CB  1 
ATOM   53  C  CG  . PHE A 1 9  ? 33.146  -11.126 -20.557 1.00 21.37  ? 8    PHE A CG  1 
ATOM   54  C  CD1 . PHE A 1 9  ? 32.042  -11.514 -21.307 1.00 24.23  ? 8    PHE A CD1 1 
ATOM   55  C  CD2 . PHE A 1 9  ? 33.517  -11.914 -19.467 1.00 25.20  ? 8    PHE A CD2 1 
ATOM   56  C  CE1 . PHE A 1 9  ? 31.300  -12.647 -20.955 1.00 25.72  ? 8    PHE A CE1 1 
ATOM   57  C  CE2 . PHE A 1 9  ? 32.778  -13.052 -19.120 1.00 27.98  ? 8    PHE A CE2 1 
ATOM   58  C  CZ  . PHE A 1 9  ? 31.683  -13.414 -19.874 1.00 25.80  ? 8    PHE A CZ  1 
ATOM   59  N  N   . SER A 1 10 ? 33.861  -8.581  -17.996 1.00 19.98  ? 9    SER A N   1 
ATOM   60  C  CA  . SER A 1 10 ? 33.701  -8.610  -16.543 1.00 18.55  ? 9    SER A CA  1 
ATOM   61  C  C   . SER A 1 10 ? 32.824  -7.428  -16.024 1.00 20.51  ? 9    SER A C   1 
ATOM   62  O  O   . SER A 1 10 ? 32.018  -7.619  -15.113 1.00 21.43  ? 9    SER A O   1 
ATOM   63  C  CB  . SER A 1 10 ? 35.079  -8.616  -15.885 1.00 20.69  ? 9    SER A CB  1 
ATOM   64  O  OG  . SER A 1 10 ? 35.011  -8.744  -14.477 1.00 34.61  ? 9    SER A OG  1 
ATOM   65  N  N   . ASP A 1 11 ? 32.980  -6.229  -16.598 1.00 14.78  ? 10   ASP A N   1 
ATOM   66  C  CA  . ASP A 1 11 ? 32.212  -5.032  -16.209 1.00 13.94  ? 10   ASP A CA  1 
ATOM   67  C  C   . ASP A 1 11 ? 30.760  -5.103  -16.692 1.00 18.97  ? 10   ASP A C   1 
ATOM   68  O  O   . ASP A 1 11 ? 29.860  -4.608  -16.004 1.00 19.04  ? 10   ASP A O   1 
ATOM   69  C  CB  . ASP A 1 11 ? 32.882  -3.755  -16.739 1.00 14.87  ? 10   ASP A CB  1 
ATOM   70  C  CG  . ASP A 1 11 ? 34.145  -3.323  -16.011 1.00 22.71  ? 10   ASP A CG  1 
ATOM   71  O  OD1 . ASP A 1 11 ? 34.390  -3.819  -14.887 1.00 21.95  ? 10   ASP A OD1 1 
ATOM   72  O  OD2 . ASP A 1 11 ? 34.885  -2.480  -16.558 1.00 28.20  ? 10   ASP A OD2 1 
ATOM   73  N  N   . VAL A 1 12 ? 30.537  -5.702  -17.887 1.00 15.01  ? 11   VAL A N   1 
ATOM   74  C  CA  . VAL A 1 12 ? 29.210  -5.934  -18.457 1.00 13.89  ? 11   VAL A CA  1 
ATOM   75  C  C   . VAL A 1 12 ? 28.456  -6.935  -17.545 1.00 17.42  ? 11   VAL A C   1 
ATOM   76  O  O   . VAL A 1 12 ? 27.277  -6.744  -17.265 1.00 16.83  ? 11   VAL A O   1 
ATOM   77  C  CB  . VAL A 1 12 ? 29.306  -6.396  -19.934 1.00 18.00  ? 11   VAL A CB  1 
ATOM   78  C  CG1 . VAL A 1 12 ? 27.994  -7.029  -20.414 1.00 18.60  ? 11   VAL A CG1 1 
ATOM   79  C  CG2 . VAL A 1 12 ? 29.690  -5.232  -20.841 1.00 17.31  ? 11   VAL A CG2 1 
ATOM   80  N  N   . GLN A 1 13 ? 29.152  -7.970  -17.045 1.00 14.24  ? 12   GLN A N   1 
ATOM   81  C  CA  . GLN A 1 13 ? 28.560  -8.951  -16.140 1.00 13.91  ? 12   GLN A CA  1 
ATOM   82  C  C   . GLN A 1 13 ? 28.194  -8.264  -14.811 1.00 19.13  ? 12   GLN A C   1 
ATOM   83  O  O   . GLN A 1 13 ? 27.200  -8.640  -14.200 1.00 20.46  ? 12   GLN A O   1 
ATOM   84  C  CB  . GLN A 1 13 ? 29.531  -10.120 -15.886 1.00 15.17  ? 12   GLN A CB  1 
ATOM   85  C  CG  . GLN A 1 13 ? 29.907  -10.949 -17.116 1.00 31.14  ? 12   GLN A CG  1 
ATOM   86  C  CD  . GLN A 1 13 ? 28.847  -11.906 -17.580 1.00 61.46  ? 12   GLN A CD  1 
ATOM   87  O  OE1 . GLN A 1 13 ? 28.583  -12.927 -16.947 1.00 61.78  ? 12   GLN A OE1 1 
ATOM   88  N  NE2 . GLN A 1 13 ? 28.236  -11.611 -18.717 1.00 57.03  ? 12   GLN A NE2 1 
ATOM   89  N  N   . ASP A 1 14 ? 28.984  -7.251  -14.380 1.00 15.31  ? 13   ASP A N   1 
ATOM   90  C  CA  . ASP A 1 14 ? 28.745  -6.461  -13.164 1.00 14.84  ? 13   ASP A CA  1 
ATOM   91  C  C   . ASP A 1 14 ? 27.472  -5.639  -13.358 1.00 17.41  ? 13   ASP A C   1 
ATOM   92  O  O   . ASP A 1 14 ? 26.682  -5.513  -12.428 1.00 16.98  ? 13   ASP A O   1 
ATOM   93  C  CB  . ASP A 1 14 ? 29.917  -5.493  -12.885 1.00 16.47  ? 13   ASP A CB  1 
ATOM   94  C  CG  . ASP A 1 14 ? 31.216  -6.106  -12.400 1.00 28.08  ? 13   ASP A CG  1 
ATOM   95  O  OD1 . ASP A 1 14 ? 31.257  -7.354  -12.194 1.00 28.37  ? 13   ASP A OD1 1 
ATOM   96  O  OD2 . ASP A 1 14 ? 32.192  -5.349  -12.218 1.00 32.62  ? 13   ASP A OD2 1 
ATOM   97  N  N   . ILE A 1 15 ? 27.302  -5.059  -14.575 1.00 12.79  ? 14   ILE A N   1 
ATOM   98  C  CA  . ILE A 1 15 ? 26.129  -4.269  -14.942 1.00 11.37  ? 14   ILE A CA  1 
ATOM   99  C  C   . ILE A 1 15 ? 24.869  -5.139  -14.913 1.00 17.36  ? 14   ILE A C   1 
ATOM   100 O  O   . ILE A 1 15 ? 23.846  -4.695  -14.409 1.00 18.43  ? 14   ILE A O   1 
ATOM   101 C  CB  . ILE A 1 15 ? 26.320  -3.525  -16.282 1.00 12.51  ? 14   ILE A CB  1 
ATOM   102 C  CG1 . ILE A 1 15 ? 27.375  -2.381  -16.130 1.00 11.50  ? 14   ILE A CG1 1 
ATOM   103 C  CG2 . ILE A 1 15 ? 24.966  -2.961  -16.783 1.00 12.04  ? 14   ILE A CG2 1 
ATOM   104 C  CD1 . ILE A 1 15 ? 28.019  -1.904  -17.518 1.00 10.30  ? 14   ILE A CD1 1 
ATOM   105 N  N   . LYS A 1 16 ? 24.969  -6.379  -15.415 1.00 14.40  ? 15   LYS A N   1 
ATOM   106 C  CA  . LYS A 1 16 ? 23.887  -7.355  -15.461 1.00 13.95  ? 15   LYS A CA  1 
ATOM   107 C  C   . LYS A 1 16 ? 23.473  -7.795  -14.061 1.00 17.76  ? 15   LYS A C   1 
ATOM   108 O  O   . LYS A 1 16 ? 22.278  -7.926  -13.792 1.00 15.94  ? 15   LYS A O   1 
ATOM   109 C  CB  . LYS A 1 16 ? 24.300  -8.553  -16.312 1.00 14.71  ? 15   LYS A CB  1 
ATOM   110 C  CG  . LYS A 1 16 ? 24.200  -8.269  -17.797 1.00 13.62  ? 15   LYS A CG  1 
ATOM   111 C  CD  . LYS A 1 16 ? 24.842  -9.387  -18.598 1.00 20.83  ? 15   LYS A CD  1 
ATOM   112 C  CE  . LYS A 1 16 ? 24.213  -9.506  -19.952 1.00 22.21  ? 15   LYS A CE  1 
ATOM   113 N  NZ  . LYS A 1 16 ? 24.446  -10.848 -20.526 1.00 31.63  ? 15   LYS A NZ  1 
ATOM   114 N  N   . THR A 1 17 ? 24.473  -7.994  -13.167 1.00 15.86  ? 16   THR A N   1 
ATOM   115 C  CA  . THR A 1 17 ? 24.268  -8.380  -11.777 1.00 15.21  ? 16   THR A CA  1 
ATOM   116 C  C   . THR A 1 17 ? 23.538  -7.262  -11.060 1.00 18.11  ? 16   THR A C   1 
ATOM   117 O  O   . THR A 1 17 ? 22.574  -7.547  -10.374 1.00 17.31  ? 16   THR A O   1 
ATOM   118 C  CB  . THR A 1 17 ? 25.595  -8.825  -11.117 1.00 20.89  ? 16   THR A CB  1 
ATOM   119 O  OG1 . THR A 1 17 ? 26.077  -9.979  -11.804 1.00 22.77  ? 16   THR A OG1 1 
ATOM   120 C  CG2 . THR A 1 17 ? 25.435  -9.174  -9.625  1.00 15.89  ? 16   THR A CG2 1 
ATOM   121 N  N   . ALA A 1 18 ? 23.954  -5.988  -11.275 1.00 15.25  ? 17   ALA A N   1 
ATOM   122 C  CA  . ALA A 1 18 ? 23.340  -4.814  -10.651 1.00 13.50  ? 17   ALA A CA  1 
ATOM   123 C  C   . ALA A 1 18 ? 21.869  -4.682  -11.083 1.00 18.28  ? 17   ALA A C   1 
ATOM   124 O  O   . ALA A 1 18 ? 20.992  -4.427  -10.244 1.00 16.74  ? 17   ALA A O   1 
ATOM   125 C  CB  . ALA A 1 18 ? 24.117  -3.559  -11.014 1.00 13.20  ? 17   ALA A CB  1 
ATOM   126 N  N   . LEU A 1 19 ? 21.608  -4.886  -12.395 1.00 15.90  ? 18   LEU A N   1 
ATOM   127 C  CA  . LEU A 1 19 ? 20.269  -4.820  -12.998 1.00 15.49  ? 18   LEU A CA  1 
ATOM   128 C  C   . LEU A 1 19 ? 19.330  -5.861  -12.402 1.00 18.91  ? 18   LEU A C   1 
ATOM   129 O  O   . LEU A 1 19 ? 18.177  -5.551  -12.128 1.00 19.82  ? 18   LEU A O   1 
ATOM   130 C  CB  . LEU A 1 19 ? 20.363  -4.982  -14.529 1.00 14.98  ? 18   LEU A CB  1 
ATOM   131 C  CG  . LEU A 1 19 ? 20.968  -3.793  -15.289 1.00 18.79  ? 18   LEU A CG  1 
ATOM   132 C  CD1 . LEU A 1 19 ? 21.390  -4.184  -16.686 1.00 17.79  ? 18   LEU A CD1 1 
ATOM   133 C  CD2 . LEU A 1 19 ? 20.044  -2.584  -15.291 1.00 20.28  ? 18   LEU A CD2 1 
ATOM   134 N  N   . ALA A 1 20 ? 19.835  -7.093  -12.211 1.00 14.64  ? 19   ALA A N   1 
ATOM   135 C  CA  . ALA A 1 20 ? 19.122  -8.235  -11.650 1.00 13.76  ? 19   ALA A CA  1 
ATOM   136 C  C   . ALA A 1 20 ? 18.722  -7.943  -10.205 1.00 16.08  ? 19   ALA A C   1 
ATOM   137 O  O   . ALA A 1 20 ? 17.595  -8.244  -9.833  1.00 14.71  ? 19   ALA A O   1 
ATOM   138 C  CB  . ALA A 1 20 ? 19.990  -9.486  -11.729 1.00 14.27  ? 19   ALA A CB  1 
ATOM   139 N  N   . LYS A 1 21 ? 19.610  -7.273  -9.427  1.00 12.58  ? 20   LYS A N   1 
ATOM   140 C  CA  . LYS A 1 21 ? 19.333  -6.893  -8.044  1.00 12.63  ? 20   LYS A CA  1 
ATOM   141 C  C   . LYS A 1 21 ? 18.231  -5.824  -7.962  1.00 15.67  ? 20   LYS A C   1 
ATOM   142 O  O   . LYS A 1 21 ? 17.351  -5.952  -7.129  1.00 16.59  ? 20   LYS A O   1 
ATOM   143 C  CB  . LYS A 1 21 ? 20.615  -6.456  -7.318  1.00 15.39  ? 20   LYS A CB  1 
ATOM   144 N  N   . ILE A 1 22 ? 18.258  -4.814  -8.851  1.00 10.97  ? 21   ILE A N   1 
ATOM   145 C  CA  . ILE A 1 22 ? 17.258  -3.750  -8.944  1.00 10.93  ? 21   ILE A CA  1 
ATOM   146 C  C   . ILE A 1 22 ? 15.877  -4.339  -9.299  1.00 18.37  ? 21   ILE A C   1 
ATOM   147 O  O   . ILE A 1 22 ? 14.877  -3.951  -8.687  1.00 19.01  ? 21   ILE A O   1 
ATOM   148 C  CB  . ILE A 1 22 ? 17.693  -2.643  -9.943  1.00 12.84  ? 21   ILE A CB  1 
ATOM   149 C  CG1 . ILE A 1 22 ? 18.950  -1.884  -9.429  1.00 13.02  ? 21   ILE A CG1 1 
ATOM   150 C  CG2 . ILE A 1 22 ? 16.531  -1.667  -10.229 1.00 11.72  ? 21   ILE A CG2 1 
ATOM   151 C  CD1 . ILE A 1 22 ? 19.846  -1.290  -10.558 1.00 14.86  ? 21   ILE A CD1 1 
ATOM   152 N  N   . HIS A 1 23 ? 15.834  -5.273  -10.282 1.00 15.40  ? 22   HIS A N   1 
ATOM   153 C  CA  . HIS A 1 23 ? 14.611  -5.952  -10.719 1.00 14.88  ? 22   HIS A CA  1 
ATOM   154 C  C   . HIS A 1 23 ? 14.021  -6.704  -9.533  1.00 17.89  ? 22   HIS A C   1 
ATOM   155 O  O   . HIS A 1 23 ? 12.852  -6.541  -9.222  1.00 17.21  ? 22   HIS A O   1 
ATOM   156 C  CB  . HIS A 1 23 ? 14.922  -6.917  -11.882 1.00 15.53  ? 22   HIS A CB  1 
ATOM   157 C  CG  . HIS A 1 23 ? 13.739  -7.707  -12.338 1.00 18.68  ? 22   HIS A CG  1 
ATOM   158 N  ND1 . HIS A 1 23 ? 12.814  -7.176  -13.224 1.00 20.55  ? 22   HIS A ND1 1 
ATOM   159 C  CD2 . HIS A 1 23 ? 13.356  -8.960  -12.001 1.00 20.34  ? 22   HIS A CD2 1 
ATOM   160 C  CE1 . HIS A 1 23 ? 11.903  -8.119  -13.400 1.00 19.94  ? 22   HIS A CE1 1 
ATOM   161 N  NE2 . HIS A 1 23 ? 12.180  -9.209  -12.674 1.00 20.33  ? 22   HIS A NE2 1 
ATOM   162 N  N   . GLU A 1 24 ? 14.865  -7.456  -8.830  1.00 15.46  ? 23   GLU A N   1 
ATOM   163 C  CA  . GLU A 1 24 ? 14.497  -8.203  -7.648  1.00 15.57  ? 23   GLU A CA  1 
ATOM   164 C  C   . GLU A 1 24 ? 13.898  -7.269  -6.595  1.00 18.75  ? 23   GLU A C   1 
ATOM   165 O  O   . GLU A 1 24 ? 12.846  -7.576  -6.050  1.00 18.99  ? 23   GLU A O   1 
ATOM   166 C  CB  . GLU A 1 24 ? 15.729  -8.928  -7.086  1.00 17.21  ? 23   GLU A CB  1 
ATOM   167 C  CG  . GLU A 1 24 ? 15.366  -10.128 -6.228  1.00 28.63  ? 23   GLU A CG  1 
ATOM   168 C  CD  . GLU A 1 24 ? 16.502  -10.610 -5.358  1.00 35.51  ? 23   GLU A CD  1 
ATOM   169 O  OE1 . GLU A 1 24 ? 17.302  -11.442 -5.836  1.00 29.37  ? 23   GLU A OE1 1 
ATOM   170 O  OE2 . GLU A 1 24 ? 16.598  -10.144 -4.201  1.00 23.72  ? 23   GLU A OE2 1 
ATOM   171 N  N   . ASP A 1 25 ? 14.523  -6.103  -6.375  1.00 13.58  ? 24   ASP A N   1 
ATOM   172 C  CA  . ASP A 1 25 ? 14.069  -5.137  -5.392  1.00 11.98  ? 24   ASP A CA  1 
ATOM   173 C  C   . ASP A 1 25 ? 12.753  -4.474  -5.771  1.00 15.76  ? 24   ASP A C   1 
ATOM   174 O  O   . ASP A 1 25 ? 11.937  -4.259  -4.884  1.00 15.92  ? 24   ASP A O   1 
ATOM   175 C  CB  . ASP A 1 25 ? 15.174  -4.137  -5.057  1.00 12.84  ? 24   ASP A CB  1 
ATOM   176 C  CG  . ASP A 1 25 ? 16.185  -4.749  -4.099  0.70 13.07  ? 24   ASP A CG  1 
ATOM   177 O  OD1 . ASP A 1 25 ? 15.803  -5.692  -3.338  0.70 11.79  ? 24   ASP A OD1 1 
ATOM   178 O  OD2 . ASP A 1 25 ? 17.352  -4.290  -4.093  0.70 12.81  ? 24   ASP A OD2 1 
ATOM   179 N  N   . ASN A 1 26 ? 12.496  -4.268  -7.070  1.00 11.95  ? 25   ASN A N   1 
ATOM   180 C  CA  . ASN A 1 26 ? 11.229  -3.749  -7.591  1.00 12.15  ? 25   ASN A CA  1 
ATOM   181 C  C   . ASN A 1 26 ? 10.026  -4.675  -7.262  1.00 15.98  ? 25   ASN A C   1 
ATOM   182 O  O   . ASN A 1 26 ? 8.940   -4.192  -6.931  1.00 15.80  ? 25   ASN A O   1 
ATOM   183 C  CB  . ASN A 1 26 ? 11.339  -3.545  -9.099  1.00 10.82  ? 25   ASN A CB  1 
ATOM   184 C  CG  . ASN A 1 26 ? 12.061  -2.285  -9.508  1.00 26.29  ? 25   ASN A CG  1 
ATOM   185 O  OD1 . ASN A 1 26 ? 12.232  -1.347  -8.730  1.00 26.32  ? 25   ASN A OD1 1 
ATOM   186 N  ND2 . ASN A 1 26 ? 12.483  -2.227  -10.761 1.00 12.06  ? 25   ASN A ND2 1 
ATOM   187 N  N   . GLN A 1 27 ? 10.235  -6.001  -7.330  1.00 11.99  ? 26   GLN A N   1 
ATOM   188 C  CA  . GLN A 1 27 ? 9.189   -7.001  -7.048  1.00 10.72  ? 26   GLN A CA  1 
ATOM   189 C  C   . GLN A 1 27 ? 8.917   -7.048  -5.565  1.00 14.32  ? 26   GLN A C   1 
ATOM   190 O  O   . GLN A 1 27 ? 7.771   -7.216  -5.168  1.00 15.93  ? 26   GLN A O   1 
ATOM   191 C  CB  . GLN A 1 27 ? 9.551   -8.396  -7.594  1.00 11.67  ? 26   GLN A CB  1 
ATOM   192 C  CG  . GLN A 1 27 ? 10.248  -8.408  -8.972  1.00 13.18  ? 26   GLN A CG  1 
ATOM   193 C  CD  . GLN A 1 27 ? 9.557   -7.599  -10.048 1.00 23.40  ? 26   GLN A CD  1 
ATOM   194 O  OE1 . GLN A 1 27 ? 8.351   -7.666  -10.239 1.00 17.80  ? 26   GLN A OE1 1 
ATOM   195 N  NE2 . GLN A 1 27 ? 10.315  -6.819  -10.780 1.00 20.03  ? 26   GLN A NE2 1 
ATOM   196 N  N   . LYS A 1 28 ? 9.965   -6.859  -4.742  1.00 10.57  ? 27   LYS A N   1 
ATOM   197 C  CA  . LYS A 1 28 ? 9.867   -6.740  -3.290  1.00 9.90   ? 27   LYS A CA  1 
ATOM   198 C  C   . LYS A 1 28 ? 8.996   -5.480  -2.986  1.00 15.78  ? 27   LYS A C   1 
ATOM   199 O  O   . LYS A 1 28 ? 8.086   -5.549  -2.160  1.00 17.77  ? 27   LYS A O   1 
ATOM   200 C  CB  . LYS A 1 28 ? 11.278  -6.616  -2.678  1.00 9.98   ? 27   LYS A CB  1 
ATOM   201 C  CG  . LYS A 1 28 ? 11.310  -6.561  -1.153  1.00 4.32   ? 27   LYS A CG  1 
ATOM   202 C  CD  . LYS A 1 28 ? 12.705  -6.323  -0.640  1.00 14.20  ? 27   LYS A CD  1 
ATOM   203 C  CE  . LYS A 1 28 ? 12.813  -6.599  0.841   1.00 28.34  ? 27   LYS A CE  1 
ATOM   204 N  NZ  . LYS A 1 28 ? 14.209  -6.414  1.334   1.00 36.00  ? 27   LYS A NZ  1 
ATOM   205 N  N   . ILE A 1 29 ? 9.228   -4.377  -3.729  1.00 11.43  ? 28   ILE A N   1 
ATOM   206 C  CA  . ILE A 1 29 ? 8.484   -3.125  -3.602  1.00 11.99  ? 28   ILE A CA  1 
ATOM   207 C  C   . ILE A 1 29 ? 7.004   -3.311  -3.980  1.00 16.72  ? 28   ILE A C   1 
ATOM   208 O  O   . ILE A 1 29 ? 6.143   -2.936  -3.196  1.00 16.35  ? 28   ILE A O   1 
ATOM   209 C  CB  . ILE A 1 29 ? 9.180   -1.964  -4.369  1.00 14.59  ? 28   ILE A CB  1 
ATOM   210 C  CG1 . ILE A 1 29 ? 10.496  -1.562  -3.661  1.00 14.33  ? 28   ILE A CG1 1 
ATOM   211 C  CG2 . ILE A 1 29 ? 8.233   -0.746  -4.504  1.00 14.55  ? 28   ILE A CG2 1 
ATOM   212 C  CD1 . ILE A 1 29 ? 11.563  -0.816  -4.586  1.00 16.58  ? 28   ILE A CD1 1 
ATOM   213 N  N   . ILE A 1 30 ? 6.727   -3.926  -5.154  1.00 14.62  ? 29   ILE A N   1 
ATOM   214 C  CA  . ILE A 1 30 ? 5.385   -4.237  -5.654  1.00 13.85  ? 29   ILE A CA  1 
ATOM   215 C  C   . ILE A 1 30 ? 4.625   -5.102  -4.634  1.00 21.00  ? 29   ILE A C   1 
ATOM   216 O  O   . ILE A 1 30 ? 3.454   -4.826  -4.381  1.00 21.01  ? 29   ILE A O   1 
ATOM   217 C  CB  . ILE A 1 30 ? 5.445   -4.843  -7.094  1.00 15.63  ? 29   ILE A CB  1 
ATOM   218 C  CG1 . ILE A 1 30 ? 5.894   -3.761  -8.115  1.00 15.19  ? 29   ILE A CG1 1 
ATOM   219 C  CG2 . ILE A 1 30 ? 4.099   -5.489  -7.520  1.00 14.52  ? 29   ILE A CG2 1 
ATOM   220 C  CD1 . ILE A 1 30 ? 6.587   -4.262  -9.406  1.00 13.01  ? 29   ILE A CD1 1 
ATOM   221 N  N   . SER A 1 31 ? 5.309   -6.091  -4.000  1.00 18.86  ? 30   SER A N   1 
ATOM   222 C  CA  . SER A 1 31 ? 4.719   -6.958  -2.966  1.00 18.73  ? 30   SER A CA  1 
ATOM   223 C  C   . SER A 1 31 ? 4.288   -6.161  -1.737  1.00 22.33  ? 30   SER A C   1 
ATOM   224 O  O   . SER A 1 31 ? 3.209   -6.408  -1.197  1.00 23.29  ? 30   SER A O   1 
ATOM   225 C  CB  . SER A 1 31 ? 5.697   -8.048  -2.527  1.00 22.18  ? 30   SER A CB  1 
ATOM   226 O  OG  . SER A 1 31 ? 6.119   -8.830  -3.629  1.00 34.63  ? 30   SER A OG  1 
ATOM   227 N  N   . LYS A 1 32 ? 5.138   -5.235  -1.276  1.00 17.59  ? 31   LYS A N   1 
ATOM   228 C  CA  . LYS A 1 32 ? 4.867   -4.398  -0.104  1.00 16.72  ? 31   LYS A CA  1 
ATOM   229 C  C   . LYS A 1 32 ? 3.714   -3.439  -0.368  1.00 22.04  ? 31   LYS A C   1 
ATOM   230 O  O   . LYS A 1 32 ? 3.018   -3.046  0.576   1.00 23.92  ? 31   LYS A O   1 
ATOM   231 C  CB  . LYS A 1 32 ? 6.128   -3.643  0.337   1.00 18.25  ? 31   LYS A CB  1 
ATOM   232 C  CG  . LYS A 1 32 ? 7.210   -4.571  0.860   1.00 18.11  ? 31   LYS A CG  1 
ATOM   233 C  CD  . LYS A 1 32 ? 8.459   -3.834  1.297   1.00 18.33  ? 31   LYS A CD  1 
ATOM   234 C  CE  . LYS A 1 32 ? 9.488   -4.818  1.788   1.00 21.24  ? 31   LYS A CE  1 
ATOM   235 N  NZ  . LYS A 1 32 ? 9.087   -5.447  3.083   1.00 18.57  ? 31   LYS A NZ  1 
ATOM   236 N  N   . LEU A 1 33 ? 3.487   -3.101  -1.656  1.00 17.30  ? 32   LEU A N   1 
ATOM   237 C  CA  . LEU A 1 33 ? 2.414   -2.231  -2.129  1.00 15.99  ? 32   LEU A CA  1 
ATOM   238 C  C   . LEU A 1 33 ? 1.073   -2.979  -2.349  1.00 21.75  ? 32   LEU A C   1 
ATOM   239 O  O   . LEU A 1 33 ? 0.075   -2.354  -2.711  1.00 19.67  ? 32   LEU A O   1 
ATOM   240 C  CB  . LEU A 1 33 ? 2.841   -1.501  -3.409  1.00 15.23  ? 32   LEU A CB  1 
ATOM   241 C  CG  . LEU A 1 33 ? 3.920   -0.424  -3.287  1.00 18.54  ? 32   LEU A CG  1 
ATOM   242 C  CD1 . LEU A 1 33 ? 4.391   0.024   -4.668  1.00 17.41  ? 32   LEU A CD1 1 
ATOM   243 C  CD2 . LEU A 1 33 ? 3.426   0.766   -2.489  1.00 19.47  ? 32   LEU A CD2 1 
ATOM   244 N  N   . GLU A 1 34 ? 1.043   -4.296  -2.103  1.00 21.30  ? 33   GLU A N   1 
ATOM   245 C  CA  . GLU A 1 34 ? -0.173  -5.105  -2.251  1.00 22.84  ? 33   GLU A CA  1 
ATOM   246 C  C   . GLU A 1 34 ? -1.236  -4.740  -1.224  1.00 27.46  ? 33   GLU A C   1 
ATOM   247 O  O   . GLU A 1 34 ? -2.417  -4.895  -1.510  1.00 28.10  ? 33   GLU A O   1 
ATOM   248 C  CB  . GLU A 1 34 ? 0.122   -6.616  -2.143  1.00 24.80  ? 33   GLU A CB  1 
ATOM   249 C  CG  . GLU A 1 34 ? 0.985   -7.186  -3.259  1.00 36.60  ? 33   GLU A CG  1 
ATOM   250 C  CD  . GLU A 1 34 ? 0.243   -7.948  -4.332  1.00 62.58  ? 33   GLU A CD  1 
ATOM   251 O  OE1 . GLU A 1 34 ? -0.381  -8.983  -4.005  1.00 60.18  ? 33   GLU A OE1 1 
ATOM   252 O  OE2 . GLU A 1 34 ? 0.302   -7.519  -5.506  1.00 63.89  ? 33   GLU A OE2 1 
ATOM   253 N  N   . SER A 1 35 ? -0.834  -4.268  -0.034  1.00 23.85  ? 34   SER A N   1 
ATOM   254 C  CA  . SER A 1 35 ? -1.807  -3.959  0.995   1.00 23.65  ? 34   SER A CA  1 
ATOM   255 C  C   . SER A 1 35 ? -2.347  -2.510  0.942   1.00 28.90  ? 34   SER A C   1 
ATOM   256 O  O   . SER A 1 35 ? -3.239  -2.177  1.738   1.00 29.12  ? 34   SER A O   1 
ATOM   257 C  CB  . SER A 1 35 ? -1.272  -4.326  2.375   1.00 26.60  ? 34   SER A CB  1 
ATOM   258 O  OG  . SER A 1 35 ? -0.245  -3.452  2.795   1.00 35.19  ? 34   SER A OG  1 
ATOM   259 N  N   . ILE A 1 36 ? -1.882  -1.682  -0.034  1.00 24.17  ? 35   ILE A N   1 
ATOM   260 C  CA  . ILE A 1 36 ? -2.366  -0.302  -0.210  1.00 23.03  ? 35   ILE A CA  1 
ATOM   261 C  C   . ILE A 1 36 ? -3.887  -0.314  -0.567  1.00 25.15  ? 35   ILE A C   1 
ATOM   262 O  O   . ILE A 1 36 ? -4.646  0.386   0.106   1.00 24.36  ? 35   ILE A O   1 
ATOM   263 C  CB  . ILE A 1 36 ? -1.474  0.572   -1.170  1.00 25.70  ? 35   ILE A CB  1 
ATOM   264 C  CG1 . ILE A 1 36 ? -0.241  1.166   -0.444  1.00 26.64  ? 35   ILE A CG1 1 
ATOM   265 C  CG2 . ILE A 1 36 ? -2.248  1.746   -1.739  1.00 24.88  ? 35   ILE A CG2 1 
ATOM   266 C  CD1 . ILE A 1 36 ? 0.799   0.272   -0.005  1.00 39.23  ? 35   ILE A CD1 1 
ATOM   267 N  N   . PRO A 1 37 ? -4.381  -1.150  -1.520  1.00 20.52  ? 36   PRO A N   1 
ATOM   268 C  CA  . PRO A 1 37 ? -5.827  -1.156  -1.793  1.00 19.78  ? 36   PRO A CA  1 
ATOM   269 C  C   . PRO A 1 37 ? -6.677  -1.736  -0.652  1.00 25.62  ? 36   PRO A C   1 
ATOM   270 O  O   . PRO A 1 37 ? -7.878  -1.481  -0.605  1.00 24.90  ? 36   PRO A O   1 
ATOM   271 C  CB  . PRO A 1 37 ? -5.942  -1.990  -3.074  1.00 21.04  ? 36   PRO A CB  1 
ATOM   272 C  CG  . PRO A 1 37 ? -4.571  -2.080  -3.626  1.00 24.86  ? 36   PRO A CG  1 
ATOM   273 C  CD  . PRO A 1 37 ? -3.675  -2.058  -2.445  1.00 20.93  ? 36   PRO A CD  1 
ATOM   274 N  N   . LYS A 1 38 ? -6.054  -2.518  0.263   1.00 22.85  ? 37   LYS A N   1 
ATOM   275 C  CA  . LYS A 1 38 ? -6.731  -3.083  1.431   1.00 22.39  ? 37   LYS A CA  1 
ATOM   276 C  C   . LYS A 1 38 ? -6.973  -1.932  2.417   1.00 23.50  ? 37   LYS A C   1 
ATOM   277 O  O   . LYS A 1 38 ? -8.090  -1.764  2.902   1.00 23.24  ? 37   LYS A O   1 
ATOM   278 C  CB  . LYS A 1 38 ? -5.881  -4.203  2.084   1.00 25.79  ? 37   LYS A CB  1 
ATOM   279 C  CG  . LYS A 1 38 ? -5.652  -5.421  1.192   1.00 43.40  ? 37   LYS A CG  1 
ATOM   280 C  CD  . LYS A 1 38 ? -4.598  -6.368  1.763   1.00 50.48  ? 37   LYS A CD  1 
ATOM   281 C  CE  . LYS A 1 38 ? -4.416  -7.605  0.909   1.00 53.47  ? 37   LYS A CE  1 
ATOM   282 N  NZ  . LYS A 1 38 ? -3.056  -8.195  1.053   1.00 56.03  ? 37   LYS A NZ  1 
ATOM   283 N  N   . ILE A 1 39 ? -5.927  -1.112  2.651   1.00 18.62  ? 38   ILE A N   1 
ATOM   284 C  CA  . ILE A 1 39 ? -5.936  0.057   3.526   1.00 17.60  ? 38   ILE A CA  1 
ATOM   285 C  C   . ILE A 1 39 ? -6.956  1.076   3.050   1.00 21.11  ? 38   ILE A C   1 
ATOM   286 O  O   . ILE A 1 39 ? -7.738  1.551   3.876   1.00 21.38  ? 38   ILE A O   1 
ATOM   287 C  CB  . ILE A 1 39 ? -4.528  0.683   3.700   1.00 19.86  ? 38   ILE A CB  1 
ATOM   288 C  CG1 . ILE A 1 39 ? -3.556  -0.315  4.349   1.00 20.13  ? 38   ILE A CG1 1 
ATOM   289 C  CG2 . ILE A 1 39 ? -4.590  1.995   4.514   1.00 19.89  ? 38   ILE A CG2 1 
ATOM   290 C  CD1 . ILE A 1 39 ? -2.026  0.004   4.078   1.00 24.76  ? 38   ILE A CD1 1 
ATOM   291 N  N   . LYS A 1 40 ? -6.958  1.409   1.735   1.00 16.70  ? 39   LYS A N   1 
ATOM   292 C  CA  . LYS A 1 40 ? -7.910  2.378   1.168   1.00 16.58  ? 39   LYS A CA  1 
ATOM   293 C  C   . LYS A 1 40 ? -9.364  1.925   1.417   1.00 21.31  ? 39   LYS A C   1 
ATOM   294 O  O   . LYS A 1 40 ? -10.175 2.712   1.883   1.00 20.57  ? 39   LYS A O   1 
ATOM   295 C  CB  . LYS A 1 40 ? -7.638  2.628   -0.326  1.00 17.78  ? 39   LYS A CB  1 
ATOM   296 C  CG  . LYS A 1 40 ? -8.396  3.826   -0.890  1.00 25.64  ? 39   LYS A CG  1 
ATOM   297 C  CD  . LYS A 1 40 ? -8.372  3.826   -2.405  1.00 39.14  ? 39   LYS A CD  1 
ATOM   298 C  CE  . LYS A 1 40 ? -9.712  4.203   -2.980  1.00 50.20  ? 39   LYS A CE  1 
ATOM   299 N  NZ  . LYS A 1 40 ? -9.649  4.373   -4.452  0.80 55.59  ? 39   LYS A NZ  1 
ATOM   300 N  N   . GLY A 1 41 ? -9.630  0.645   1.171   1.00 19.11  ? 40   GLY A N   1 
ATOM   301 C  CA  . GLY A 1 41 ? -10.923 0.014   1.362   1.00 18.85  ? 40   GLY A CA  1 
ATOM   302 C  C   . GLY A 1 41 ? -11.383 0.065   2.794   1.00 22.15  ? 40   GLY A C   1 
ATOM   303 O  O   . GLY A 1 41 ? -12.519 0.465   3.052   1.00 21.00  ? 40   GLY A O   1 
ATOM   304 N  N   . GLU A 1 42 ? -10.489 -0.318  3.738   1.00 19.80  ? 41   GLU A N   1 
ATOM   305 C  CA  . GLU A 1 42 ? -10.778 -0.312  5.177   1.00 19.91  ? 41   GLU A CA  1 
ATOM   306 C  C   . GLU A 1 42 ? -11.085 1.077   5.714   1.00 22.51  ? 41   GLU A C   1 
ATOM   307 O  O   . GLU A 1 42 ? -12.023 1.237   6.491   1.00 21.79  ? 41   GLU A O   1 
ATOM   308 C  CB  . GLU A 1 42 ? -9.643  -0.951  5.984   1.00 21.42  ? 41   GLU A CB  1 
ATOM   309 C  CG  . GLU A 1 42 ? -9.693  -2.468  6.062   1.00 38.07  ? 41   GLU A CG  1 
ATOM   310 C  CD  . GLU A 1 42 ? -10.891 -3.086  6.757   1.00 64.65  ? 41   GLU A CD  1 
ATOM   311 O  OE1 . GLU A 1 42 ? -11.374 -2.503  7.756   1.00 59.04  ? 41   GLU A OE1 1 
ATOM   312 O  OE2 . GLU A 1 42 ? -11.343 -4.164  6.305   1.00 63.55  ? 41   GLU A OE2 1 
ATOM   313 N  N   . VAL A 1 43 ? -10.290 2.070   5.294   1.00 18.46  ? 42   VAL A N   1 
ATOM   314 C  CA  . VAL A 1 43 ? -10.414 3.485   5.652   1.00 18.57  ? 42   VAL A CA  1 
ATOM   315 C  C   . VAL A 1 43 ? -11.790 4.044   5.199   1.00 22.92  ? 42   VAL A C   1 
ATOM   316 O  O   . VAL A 1 43 ? -12.442 4.759   5.965   1.00 21.98  ? 42   VAL A O   1 
ATOM   317 C  CB  . VAL A 1 43 ? -9.200  4.247   5.069   1.00 22.31  ? 42   VAL A CB  1 
ATOM   318 C  CG1 . VAL A 1 43 ? -9.548  5.649   4.630   1.00 21.93  ? 42   VAL A CG1 1 
ATOM   319 C  CG2 . VAL A 1 43 ? -8.043  4.253   6.047   1.00 22.22  ? 42   VAL A CG2 1 
ATOM   320 N  N   . GLU A 1 44 ? -12.232 3.671   3.965   1.00 18.98  ? 43   GLU A N   1 
ATOM   321 C  CA  . GLU A 1 44 ? -13.513 4.074   3.388   1.00 17.91  ? 43   GLU A CA  1 
ATOM   322 C  C   . GLU A 1 44 ? -14.677 3.401   4.133   1.00 21.04  ? 43   GLU A C   1 
ATOM   323 O  O   . GLU A 1 44 ? -15.750 3.989   4.252   1.00 19.81  ? 43   GLU A O   1 
ATOM   324 C  CB  . GLU A 1 44 ? -13.552 3.806   1.878   1.00 18.98  ? 43   GLU A CB  1 
ATOM   325 C  CG  . GLU A 1 44 ? -12.682 4.775   1.093   1.00 31.35  ? 43   GLU A CG  1 
ATOM   326 C  CD  . GLU A 1 44 ? -12.803 4.690   -0.419  1.00 51.34  ? 43   GLU A CD  1 
ATOM   327 O  OE1 . GLU A 1 44 ? -12.449 3.629   -0.980  1.00 35.47  ? 43   GLU A OE1 1 
ATOM   328 O  OE2 . GLU A 1 44 ? -13.230 5.688   -1.046  1.00 46.42  ? 43   GLU A OE2 1 
ATOM   329 N  N   . SER A 1 45 ? -14.438 2.194   4.676   1.00 17.21  ? 44   SER A N   1 
ATOM   330 C  CA  . SER A 1 45 ? -15.384 1.448   5.497   1.00 16.85  ? 44   SER A CA  1 
ATOM   331 C  C   . SER A 1 45 ? -15.543 2.121   6.899   1.00 21.79  ? 44   SER A C   1 
ATOM   332 O  O   . SER A 1 45 ? -16.672 2.245   7.390   1.00 21.12  ? 44   SER A O   1 
ATOM   333 C  CB  . SER A 1 45 ? -14.913 0.008   5.648   1.00 20.34  ? 44   SER A CB  1 
ATOM   334 O  OG  . SER A 1 45 ? -16.026 -0.854  5.815   1.00 37.00  ? 44   SER A OG  1 
ATOM   335 N  N   . ILE A 1 46 ? -14.408 2.555   7.525   1.00 17.58  ? 45   ILE A N   1 
ATOM   336 C  CA  . ILE A 1 46 ? -14.373 3.229   8.821   1.00 16.36  ? 45   ILE A CA  1 
ATOM   337 C  C   . ILE A 1 46 ? -15.234 4.466   8.723   1.00 20.80  ? 45   ILE A C   1 
ATOM   338 O  O   . ILE A 1 46 ? -16.183 4.593   9.496   1.00 20.18  ? 45   ILE A O   1 
ATOM   339 C  CB  . ILE A 1 46 ? -12.929 3.548   9.318   1.00 18.67  ? 45   ILE A CB  1 
ATOM   340 C  CG1 . ILE A 1 46 ? -12.147 2.248   9.651   1.00 18.74  ? 45   ILE A CG1 1 
ATOM   341 C  CG2 . ILE A 1 46 ? -12.953 4.501   10.534  1.00 16.81  ? 45   ILE A CG2 1 
ATOM   342 C  CD1 . ILE A 1 46 ? -10.549 2.411   9.638   1.00 14.98  ? 45   ILE A CD1 1 
ATOM   343 N  N   . LYS A 1 47 ? -14.960 5.321   7.707   1.00 17.94  ? 46   LYS A N   1 
ATOM   344 C  CA  . LYS A 1 47 ? -15.698 6.554   7.426   1.00 17.84  ? 46   LYS A CA  1 
ATOM   345 C  C   . LYS A 1 47 ? -17.219 6.283   7.376   1.00 23.94  ? 46   LYS A C   1 
ATOM   346 O  O   . LYS A 1 47 ? -17.994 6.997   8.010   1.00 23.96  ? 46   LYS A O   1 
ATOM   347 C  CB  . LYS A 1 47 ? -15.199 7.171   6.110   1.00 19.53  ? 46   LYS A CB  1 
ATOM   348 C  CG  . LYS A 1 47 ? -15.924 8.450   5.698   1.00 30.93  ? 46   LYS A CG  1 
ATOM   349 C  CD  . LYS A 1 47 ? -15.377 9.703   6.364   1.00 33.70  ? 46   LYS A CD  1 
ATOM   350 C  CE  . LYS A 1 47 ? -15.788 10.938  5.607   1.00 46.75  ? 46   LYS A CE  1 
ATOM   351 N  NZ  . LYS A 1 47 ? -15.166 11.006  4.249   0.50 51.50  ? 46   LYS A NZ  1 
ATOM   352 N  N   . LYS A 1 48 ? -17.619 5.223   6.660   1.00 21.76  ? 47   LYS A N   1 
ATOM   353 C  CA  . LYS A 1 48 ? -19.004 4.795   6.525   1.00 22.37  ? 47   LYS A CA  1 
ATOM   354 C  C   . LYS A 1 48 ? -19.617 4.422   7.899   1.00 27.47  ? 47   LYS A C   1 
ATOM   355 O  O   . LYS A 1 48 ? -20.735 4.836   8.180   1.00 27.66  ? 47   LYS A O   1 
ATOM   356 C  CB  . LYS A 1 48 ? -19.096 3.626   5.527   1.00 23.67  ? 47   LYS A CB  1 
ATOM   357 C  CG  . LYS A 1 48 ? -20.521 3.274   5.105   1.00 32.62  ? 47   LYS A CG  1 
ATOM   358 C  CD  . LYS A 1 48 ? -20.639 1.887   4.448   1.00 41.46  ? 47   LYS A CD  1 
ATOM   359 C  CE  . LYS A 1 48 ? -20.350 0.733   5.385   1.00 50.20  ? 47   LYS A CE  1 
ATOM   360 N  NZ  . LYS A 1 48 ? -20.482 -0.583  4.707   1.00 59.91  ? 47   LYS A NZ  1 
ATOM   361 N  N   . GLN A 1 49 ? -18.879 3.657   8.738   1.00 24.42  ? 48   GLN A N   1 
ATOM   362 C  CA  . GLN A 1 49 ? -19.301 3.204   10.071  1.00 24.42  ? 48   GLN A CA  1 
ATOM   363 C  C   . GLN A 1 49 ? -19.446 4.373   11.045  1.00 27.61  ? 48   GLN A C   1 
ATOM   364 O  O   . GLN A 1 49 ? -20.385 4.406   11.838  1.00 26.23  ? 48   GLN A O   1 
ATOM   365 C  CB  . GLN A 1 49 ? -18.325 2.135   10.606  1.00 25.72  ? 48   GLN A CB  1 
ATOM   366 C  CG  . GLN A 1 49 ? -18.826 0.687   10.481  1.00 48.73  ? 48   GLN A CG  1 
ATOM   367 C  CD  . GLN A 1 49 ? -19.394 0.307   9.119   1.00 65.45  ? 48   GLN A CD  1 
ATOM   368 O  OE1 . GLN A 1 49 ? -20.616 0.330   8.899   1.00 59.17  ? 48   GLN A OE1 1 
ATOM   369 N  NE2 . GLN A 1 49 ? -18.526 -0.064  8.183   1.00 50.75  ? 48   GLN A NE2 1 
ATOM   370 N  N   . ILE A 1 50 ? -18.539 5.353   10.938  1.00 24.26  ? 49   ILE A N   1 
ATOM   371 C  CA  . ILE A 1 50 ? -18.535 6.577   11.731  1.00 24.00  ? 49   ILE A CA  1 
ATOM   372 C  C   . ILE A 1 50 ? -19.771 7.435   11.424  1.00 27.34  ? 49   ILE A C   1 
ATOM   373 O  O   . ILE A 1 50 ? -20.358 8.008   12.339  1.00 26.07  ? 49   ILE A O   1 
ATOM   374 C  CB  . ILE A 1 50 ? -17.197 7.340   11.542  1.00 27.24  ? 49   ILE A CB  1 
ATOM   375 C  CG1 . ILE A 1 50 ? -15.995 6.545   12.086  1.00 27.65  ? 49   ILE A CG1 1 
ATOM   376 C  CG2 . ILE A 1 50 ? -17.238 8.759   12.113  1.00 28.28  ? 49   ILE A CG2 1 
ATOM   377 C  CD1 . ILE A 1 50 ? -16.214 5.841   13.308  1.00 37.08  ? 49   ILE A CD1 1 
ATOM   378 N  N   . ASN A 1 51 ? -20.163 7.512   10.143  1.00 24.82  ? 50   ASN A N   1 
ATOM   379 C  CA  . ASN A 1 51 ? -21.328 8.277   9.715   1.00 25.24  ? 50   ASN A CA  1 
ATOM   380 C  C   . ASN A 1 51 ? -22.603 7.689   10.334  1.00 30.70  ? 50   ASN A C   1 
ATOM   381 O  O   . ASN A 1 51 ? -23.373 8.439   10.941  1.00 31.55  ? 50   ASN A O   1 
ATOM   382 C  CB  . ASN A 1 51 ? -21.409 8.360   8.189   1.00 25.67  ? 50   ASN A CB  1 
ATOM   383 C  CG  . ASN A 1 51 ? -20.429 9.330   7.542   1.00 45.49  ? 50   ASN A CG  1 
ATOM   384 O  OD1 . ASN A 1 51 ? -19.938 10.290  8.154   1.00 37.93  ? 50   ASN A OD1 1 
ATOM   385 N  ND2 . ASN A 1 51 ? -20.143 9.108   6.266   1.00 35.93  ? 50   ASN A ND2 1 
ATOM   386 N  N   . ARG A 1 52 ? -22.771 6.338   10.260  1.00 26.47  ? 51   ARG A N   1 
ATOM   387 C  CA  . ARG A 1 52 ? -23.889 5.584   10.849  1.00 25.84  ? 51   ARG A CA  1 
ATOM   388 C  C   . ARG A 1 52 ? -23.953 5.829   12.372  1.00 30.76  ? 51   ARG A C   1 
ATOM   389 O  O   . ARG A 1 52 ? -25.044 6.016   12.926  1.00 31.04  ? 51   ARG A O   1 
ATOM   390 C  CB  . ARG A 1 52 ? -23.749 4.083   10.543  1.00 24.38  ? 51   ARG A CB  1 
ATOM   391 N  N   . GLN A 1 53 ? -22.772 5.878   13.020  1.00 26.64  ? 52   GLN A N   1 
ATOM   392 C  CA  . GLN A 1 53 ? -22.575 6.133   14.442  1.00 26.56  ? 52   GLN A CA  1 
ATOM   393 C  C   . GLN A 1 53 ? -23.023 7.540   14.840  1.00 32.41  ? 52   GLN A C   1 
ATOM   394 O  O   . GLN A 1 53 ? -23.686 7.691   15.864  1.00 30.88  ? 52   GLN A O   1 
ATOM   395 C  CB  . GLN A 1 53 ? -21.102 5.966   14.778  1.00 27.82  ? 52   GLN A CB  1 
ATOM   396 C  CG  . GLN A 1 53 ? -20.873 5.389   16.141  1.00 49.10  ? 52   GLN A CG  1 
ATOM   397 C  CD  . GLN A 1 53 ? -19.425 5.055   16.388  1.00 74.66  ? 52   GLN A CD  1 
ATOM   398 O  OE1 . GLN A 1 53 ? -18.911 5.239   17.488  1.00 73.52  ? 52   GLN A OE1 1 
ATOM   399 N  NE2 . GLN A 1 53 ? -18.734 4.550   15.382  1.00 62.67  ? 52   GLN A NE2 1 
ATOM   400 N  N   . ASN A 1 54 ? -22.642 8.567   14.033  1.00 31.42  ? 53   ASN A N   1 
ATOM   401 C  CA  . ASN A 1 54 ? -22.991 9.981   14.217  1.00 31.66  ? 53   ASN A CA  1 
ATOM   402 C  C   . ASN A 1 54 ? -24.514 10.128  14.235  1.00 37.08  ? 53   ASN A C   1 
ATOM   403 O  O   . ASN A 1 54 ? -25.047 10.884  15.048  1.00 36.79  ? 53   ASN A O   1 
ATOM   404 C  CB  . ASN A 1 54 ? -22.369 10.848  13.102  1.00 32.20  ? 53   ASN A CB  1 
ATOM   405 C  CG  . ASN A 1 54 ? -20.880 11.152  13.262  1.00 57.39  ? 53   ASN A CG  1 
ATOM   406 O  OD1 . ASN A 1 54 ? -20.149 10.488  14.004  1.00 49.28  ? 53   ASN A OD1 1 
ATOM   407 N  ND2 . ASN A 1 54 ? -20.384 12.172  12.560  1.00 45.78  ? 53   ASN A ND2 1 
ATOM   408 N  N   . ILE A 1 55 ? -25.203 9.359   13.368  1.00 34.65  ? 54   ILE A N   1 
ATOM   409 C  CA  . ILE A 1 55 ? -26.656 9.301   13.251  1.00 34.89  ? 54   ILE A CA  1 
ATOM   410 C  C   . ILE A 1 55 ? -27.279 8.695   14.521  1.00 39.17  ? 54   ILE A C   1 
ATOM   411 O  O   . ILE A 1 55 ? -28.261 9.242   15.021  1.00 39.67  ? 54   ILE A O   1 
ATOM   412 C  CB  . ILE A 1 55 ? -27.041 8.572   11.919  1.00 38.35  ? 54   ILE A CB  1 
ATOM   413 C  CG1 . ILE A 1 55 ? -27.209 9.597   10.771  1.00 39.01  ? 54   ILE A CG1 1 
ATOM   414 C  CG2 . ILE A 1 55 ? -28.262 7.622   12.042  1.00 38.57  ? 54   ILE A CG2 1 
ATOM   415 C  CD1 . ILE A 1 55 ? -26.814 9.087   9.397   1.00 46.27  ? 54   ILE A CD1 1 
ATOM   416 N  N   . SER A 1 56 ? -26.693 7.585   15.040  1.00 35.08  ? 55   SER A N   1 
ATOM   417 C  CA  . SER A 1 56 ? -27.123 6.885   16.249  1.00 34.67  ? 55   SER A CA  1 
ATOM   418 C  C   . SER A 1 56 ? -27.033 7.797   17.467  1.00 40.21  ? 55   SER A C   1 
ATOM   419 O  O   . SER A 1 56 ? -27.949 7.800   18.285  1.00 40.46  ? 55   SER A O   1 
ATOM   420 C  CB  . SER A 1 56 ? -26.276 5.640   16.480  1.00 37.82  ? 55   SER A CB  1 
ATOM   421 O  OG  . SER A 1 56 ? -26.582 4.635   15.531  1.00 50.35  ? 55   SER A OG  1 
ATOM   422 N  N   . ILE A 1 57 ? -25.947 8.585   17.571  1.00 37.37  ? 56   ILE A N   1 
ATOM   423 C  CA  . ILE A 1 57 ? -25.731 9.539   18.659  1.00 38.00  ? 56   ILE A CA  1 
ATOM   424 C  C   . ILE A 1 57 ? -26.742 10.684  18.549  1.00 44.91  ? 56   ILE A C   1 
ATOM   425 O  O   . ILE A 1 57 ? -27.272 11.120  19.572  1.00 44.02  ? 56   ILE A O   1 
ATOM   426 C  CB  . ILE A 1 57 ? -24.244 10.001  18.755  1.00 40.64  ? 56   ILE A CB  1 
ATOM   427 C  CG1 . ILE A 1 57 ? -23.326 8.794   19.047  1.00 40.41  ? 56   ILE A CG1 1 
ATOM   428 C  CG2 . ILE A 1 57 ? -24.062 11.070  19.845  1.00 41.95  ? 56   ILE A CG2 1 
ATOM   429 C  CD1 . ILE A 1 57 ? -21.922 8.946   18.625  1.00 42.69  ? 56   ILE A CD1 1 
ATOM   430 N  N   . SER A 1 58 ? -27.054 11.117  17.307  1.00 44.38  ? 57   SER A N   1 
ATOM   431 C  CA  . SER A 1 58 ? -28.043 12.172  17.033  1.00 45.43  ? 57   SER A CA  1 
ATOM   432 C  C   . SER A 1 58 ? -29.465 11.720  17.377  1.00 50.57  ? 57   SER A C   1 
ATOM   433 O  O   . SER A 1 58 ? -30.259 12.540  17.834  1.00 50.46  ? 57   SER A O   1 
ATOM   434 C  CB  . SER A 1 58 ? -27.955 12.644  15.584  1.00 49.23  ? 57   SER A CB  1 
ATOM   435 O  OG  . SER A 1 58 ? -26.874 13.550  15.437  1.00 58.09  ? 57   SER A OG  1 
ATOM   436 N  N   . THR A 1 59 ? -29.766 10.413  17.176  1.00 47.72  ? 58   THR A N   1 
ATOM   437 C  CA  . THR A 1 59 ? -31.037 9.766   17.503  1.00 48.30  ? 58   THR A CA  1 
ATOM   438 C  C   . THR A 1 59 ? -31.172 9.685   19.035  1.00 54.84  ? 58   THR A C   1 
ATOM   439 O  O   . THR A 1 59 ? -32.252 9.949   19.570  1.00 55.26  ? 58   THR A O   1 
ATOM   440 C  CB  . THR A 1 59 ? -31.114 8.395   16.805  1.00 56.88  ? 58   THR A CB  1 
ATOM   441 O  OG1 . THR A 1 59 ? -31.272 8.611   15.404  1.00 58.57  ? 58   THR A OG1 1 
ATOM   442 C  CG2 . THR A 1 59 ? -32.261 7.526   17.310  1.00 55.96  ? 58   THR A CG2 1 
ATOM   443 N  N   . LEU A 1 60 ? -30.069 9.333   19.728  1.00 52.33  ? 59   LEU A N   1 
ATOM   444 C  CA  . LEU A 1 60 ? -29.985 9.254   21.183  1.00 52.77  ? 59   LEU A CA  1 
ATOM   445 C  C   . LEU A 1 60 ? -30.200 10.641  21.789  1.00 58.84  ? 59   LEU A C   1 
ATOM   446 O  O   . LEU A 1 60 ? -30.822 10.745  22.845  1.00 58.65  ? 59   LEU A O   1 
ATOM   447 C  CB  . LEU A 1 60 ? -28.619 8.702   21.611  1.00 52.75  ? 59   LEU A CB  1 
ATOM   448 C  CG  . LEU A 1 60 ? -28.618 7.325   22.241  1.00 57.48  ? 59   LEU A CG  1 
ATOM   449 C  CD1 . LEU A 1 60 ? -28.506 6.241   21.188  1.00 58.09  ? 59   LEU A CD1 1 
ATOM   450 C  CD2 . LEU A 1 60 ? -27.476 7.184   23.212  1.00 59.21  ? 59   LEU A CD2 1 
ATOM   451 N  N   . GLU A 1 61 ? -29.708 11.702  21.108  1.00 56.82  ? 60   GLU A N   1 
ATOM   452 C  CA  . GLU A 1 61 ? -29.872 13.100  21.517  1.00 57.67  ? 60   GLU A CA  1 
ATOM   453 C  C   . GLU A 1 61 ? -31.362 13.491  21.469  1.00 63.65  ? 60   GLU A C   1 
ATOM   454 O  O   . GLU A 1 61 ? -31.851 14.157  22.386  1.00 63.66  ? 60   GLU A O   1 
ATOM   455 C  CB  . GLU A 1 61 ? -29.037 14.039  20.626  1.00 58.95  ? 60   GLU A CB  1 
ATOM   456 N  N   . GLY A 1 62 ? -32.056 13.045  20.418  1.00 60.71  ? 61   GLY A N   1 
ATOM   457 C  CA  . GLY A 1 62 ? -33.479 13.286  20.222  1.00 60.97  ? 61   GLY A CA  1 
ATOM   458 C  C   . GLY A 1 62 ? -34.337 12.567  21.247  1.00 66.37  ? 61   GLY A C   1 
ATOM   459 O  O   . GLY A 1 62 ? -35.175 13.195  21.902  1.00 66.24  ? 61   GLY A O   1 
ATOM   460 N  N   . HIS A 1 63 ? -34.108 11.246  21.413  1.00 63.82  ? 62   HIS A N   1 
ATOM   461 C  CA  . HIS A 1 63 ? -34.831 10.398  22.368  1.00 64.20  ? 62   HIS A CA  1 
ATOM   462 C  C   . HIS A 1 63 ? -34.645 10.847  23.826  1.00 69.46  ? 62   HIS A C   1 
ATOM   463 O  O   . HIS A 1 63 ? -35.535 10.605  24.641  1.00 70.05  ? 62   HIS A O   1 
ATOM   464 C  CB  . HIS A 1 63 ? -34.470 8.914   22.187  1.00 64.92  ? 62   HIS A CB  1 
ATOM   465 N  N   . LEU A 1 64 ? -33.517 11.517  24.142  1.00 66.05  ? 63   LEU A N   1 
ATOM   466 C  CA  . LEU A 1 64 ? -33.230 12.044  25.479  1.00 66.22  ? 63   LEU A CA  1 
ATOM   467 C  C   . LEU A 1 64 ? -33.986 13.360  25.710  1.00 72.05  ? 63   LEU A C   1 
ATOM   468 O  O   . LEU A 1 64 ? -34.513 13.572  26.805  1.00 72.24  ? 63   LEU A O   1 
ATOM   469 C  CB  . LEU A 1 64 ? -31.718 12.232  25.685  1.00 66.11  ? 63   LEU A CB  1 
ATOM   470 C  CG  . LEU A 1 64 ? -31.229 12.671  27.068  1.00 70.78  ? 63   LEU A CG  1 
ATOM   471 C  CD1 . LEU A 1 64 ? -31.405 11.572  28.099  1.00 71.05  ? 63   LEU A CD1 1 
ATOM   472 C  CD2 . LEU A 1 64 ? -29.769 13.064  27.015  1.00 73.77  ? 63   LEU A CD2 1 
ATOM   473 N  N   . SER A 1 65 ? -34.068 14.223  24.673  1.00 68.96  ? 64   SER A N   1 
ATOM   474 C  CA  . SER A 1 65 ? -34.776 15.506  24.731  1.00 68.74  ? 64   SER A CA  1 
ATOM   475 C  C   . SER A 1 65 ? -36.312 15.316  24.626  1.00 72.11  ? 64   SER A C   1 
ATOM   476 O  O   . SER A 1 65 ? -36.981 15.941  23.793  1.00 71.92  ? 64   SER A O   1 
ATOM   477 C  CB  . SER A 1 65 ? -34.235 16.469  23.673  1.00 72.56  ? 64   SER A CB  1 
ATOM   478 O  OG  . SER A 1 65 ? -34.393 15.955  22.361  1.00 81.34  ? 64   SER A OG  1 
ATOM   479 N  N   . SER A 1 66 ? -36.852 14.429  25.489  1.00 67.92  ? 65   SER A N   1 
ATOM   480 C  CA  . SER A 1 66 ? -38.270 14.082  25.617  1.00 90.81  ? 65   SER A CA  1 
ATOM   481 C  C   . SER A 1 66 ? -38.549 13.451  26.990  1.00 111.52 ? 65   SER A C   1 
ATOM   482 O  O   . SER A 1 66 ? -37.768 13.611  27.933  1.00 68.15  ? 65   SER A O   1 
ATOM   483 C  CB  . SER A 1 66 ? -38.705 13.135  24.501  1.00 94.01  ? 65   SER A CB  1 
ATOM   484 O  OG  . SER A 1 66 ? -37.982 11.915  24.531  1.00 102.41 ? 65   SER A OG  1 
HETATM 485 CA CA  . CA  B 2 .  ? 36.133  -4.346  -13.362 1.00 29.24  2 1001 CA  A CA  1 
HETATM 486 O  O   . HOH C 3 .  ? -1.176  -1.325  -4.759  1.00 34.37  ? 1101 HOH A O   1 
HETATM 487 O  O   . HOH C 3 .  ? 12.218  -9.704  -4.580  1.00 42.25  ? 1102 HOH A O   1 
HETATM 488 O  O   . HOH C 3 .  ? 6.256   -8.939  -9.143  1.00 21.56  ? 1103 HOH A O   1 
HETATM 489 O  O   . HOH C 3 .  ? 0.881   -4.893  -5.586  1.00 22.99  ? 1104 HOH A O   1 
HETATM 490 O  O   . HOH C 3 .  ? -17.064 5.727   2.642   1.00 23.42  ? 1105 HOH A O   1 
HETATM 491 O  O   . HOH C 3 .  ? -17.443 9.523   8.902   1.00 112.32 ? 1106 HOH A O   1 
HETATM 492 O  O   . HOH C 3 .  ? 29.777  -9.742  -20.198 1.00 54.00  ? 1107 HOH A O   1 
HETATM 493 O  O   . HOH C 3 .  ? 34.497  -6.355  -13.261 1.00 16.16  ? 1108 HOH A O   1 
HETATM 494 O  O   . HOH C 3 .  ? 37.050  -5.516  -15.451 1.00 28.10  ? 1109 HOH A O   1 
HETATM 495 O  O   . HOH C 3 .  ? 3.070   -4.441  2.922   1.00 29.01  ? 1110 HOH A O   1 
HETATM 496 O  O   . HOH C 3 .  ? 18.098  -2.349  -5.863  0.50 3.22   ? 1111 HOH A O   1 
HETATM 497 O  O   . HOH C 3 .  ? 16.524  -5.166  -0.757  1.00 26.22  ? 1112 HOH A O   1 
HETATM 498 O  O   . HOH C 3 .  ? 5.786   -8.463  -6.571  1.00 15.89  ? 1113 HOH A O   1 
HETATM 499 O  O   . HOH C 3 .  ? 15.070  -8.458  -2.682  0.50 4.68   ? 1114 HOH A O   1 
HETATM 500 O  O   . HOH C 3 .  ? -9.297  -0.380  -2.670  1.00 54.63  ? 1115 HOH A O   1 
HETATM 501 O  O   . HOH C 3 .  ? 20.358  -8.641  -15.622 0.50 3.00   ? 1116 HOH A O   1 
HETATM 502 O  O   . HOH C 3 .  ? 36.713  -2.226  -14.500 1.00 21.99  ? 1117 HOH A O   1 
HETATM 503 O  O   . HOH C 3 .  ? 10.557  -11.333 -11.850 1.00 36.89  ? 1118 HOH A O   1 
HETATM 504 O  O   . HOH C 3 .  ? -0.420  -7.945  1.973   0.50 3.00   ? 1119 HOH A O   1 
HETATM 505 O  O   . HOH C 3 .  ? -11.214 6.701   -4.539  1.00 33.74  ? 1120 HOH A O   1 
HETATM 506 O  O   . HOH C 3 .  ? 7.255   -4.677  5.073   1.00 28.79  ? 1121 HOH A O   1 
HETATM 507 O  O   . HOH C 3 .  ? 22.097  -2.975  -8.026  1.00 30.38  ? 1122 HOH A O   1 
HETATM 508 O  O   . HOH C 3 .  ? 28.950  -9.894  -11.798 1.00 45.22  ? 1123 HOH A O   1 
HETATM 509 O  O   . HOH C 3 .  ? 17.455  -11.965 -8.716  1.00 36.22  ? 1124 HOH A O   1 
HETATM 510 O  O   . HOH C 3 .  ? 41.488  -9.448  -23.192 1.00 35.04  ? 1125 HOH A O   1 
HETATM 511 O  O   . HOH C 3 .  ? 32.617  -10.112 -13.269 1.00 25.68  ? 1126 HOH A O   1 
HETATM 512 O  O   . HOH C 3 .  ? 3.388   -9.032  0.282   1.00 19.71  ? 1127 HOH A O   1 
HETATM 513 O  O   . HOH C 3 .  ? 42.163  -7.518  -20.212 1.00 47.90  ? 1128 HOH A O   1 
HETATM 514 O  O   . HOH C 3 .  ? -14.001 -2.411  3.072   1.00 34.91  ? 1129 HOH A O   1 
HETATM 515 O  O   . HOH C 3 .  ? -21.844 6.991   4.505   1.00 31.07  ? 1130 HOH A O   1 
HETATM 516 O  O   . HOH C 3 .  ? -10.996 8.099   -1.417  1.00 43.80  ? 1131 HOH A O   1 
HETATM 517 O  O   . HOH C 3 .  ? 27.925  -2.554  -11.419 1.00 34.30  ? 1132 HOH A O   1 
HETATM 518 O  O   . HOH C 3 .  ? 22.136  -10.716 -9.029  1.00 49.13  ? 1133 HOH A O   1 
HETATM 519 O  O   . HOH C 3 .  ? 28.745  -12.770 -13.420 1.00 44.33  ? 1134 HOH A O   1 
HETATM 520 O  O   . HOH C 3 .  ? -3.720  -11.528 -0.414  1.00 24.85  ? 1135 HOH A O   1 
HETATM 521 O  O   . HOH C 3 .  ? 34.877  -12.458 -15.835 1.00 44.97  ? 1136 HOH A O   1 
HETATM 522 O  O   . HOH C 3 .  ? 32.207  -12.233 -15.304 1.00 55.30  ? 1137 HOH A O   1 
HETATM 523 O  O   . HOH C 3 .  ? 13.829  -8.135  -17.088 1.00 30.90  ? 1138 HOH A O   1 
HETATM 524 O  O   . HOH C 3 .  ? 17.337  -8.438  -15.255 1.00 44.36  ? 1139 HOH A O   1 
HETATM 525 O  O   . HOH C 3 .  ? 22.404  -12.084 -12.275 1.00 27.55  ? 1140 HOH A O   1 
HETATM 526 O  O   . HOH C 3 .  ? 16.216  -10.308 -13.531 1.00 22.75  ? 1141 HOH A O   1 
HETATM 527 O  O   . HOH C 3 .  ? 42.493  -9.668  -31.344 1.00 47.64  ? 1142 HOH A O   1 
# 
